data_1L6H
# 
_entry.id   1L6H 
# 
_audit_conform.dict_name       mmcif_pdbx.dic 
_audit_conform.dict_version    5.398 
_audit_conform.dict_location   http://mmcif.pdb.org/dictionaries/ascii/mmcif_pdbx.dic 
# 
loop_
_database_2.database_id 
_database_2.database_code 
_database_2.pdbx_database_accession 
_database_2.pdbx_DOI 
PDB   1L6H         pdb_00001l6h 10.2210/pdb1l6h/pdb 
RCSB  RCSB015685   ?            ?                   
WWPDB D_1000015685 ?            ?                   
# 
loop_
_pdbx_audit_revision_history.ordinal 
_pdbx_audit_revision_history.data_content_type 
_pdbx_audit_revision_history.major_revision 
_pdbx_audit_revision_history.minor_revision 
_pdbx_audit_revision_history.revision_date 
1 'Structure model' 1 0 2002-10-02 
2 'Structure model' 1 1 2008-04-28 
3 'Structure model' 1 2 2011-07-13 
4 'Structure model' 1 3 2022-02-23 
5 'Structure model' 1 4 2024-11-13 
# 
_pdbx_audit_revision_details.ordinal             1 
_pdbx_audit_revision_details.revision_ordinal    1 
_pdbx_audit_revision_details.data_content_type   'Structure model' 
_pdbx_audit_revision_details.provider            repository 
_pdbx_audit_revision_details.type                'Initial release' 
_pdbx_audit_revision_details.description         ? 
_pdbx_audit_revision_details.details             ? 
# 
loop_
_pdbx_audit_revision_group.ordinal 
_pdbx_audit_revision_group.revision_ordinal 
_pdbx_audit_revision_group.data_content_type 
_pdbx_audit_revision_group.group 
1 2 'Structure model' 'Version format compliance' 
2 3 'Structure model' 'Version format compliance' 
3 4 'Structure model' 'Data collection'           
4 4 'Structure model' 'Database references'       
5 4 'Structure model' 'Derived calculations'      
6 5 'Structure model' 'Data collection'           
7 5 'Structure model' 'Structure summary'         
# 
loop_
_pdbx_audit_revision_category.ordinal 
_pdbx_audit_revision_category.revision_ordinal 
_pdbx_audit_revision_category.data_content_type 
_pdbx_audit_revision_category.category 
1 4 'Structure model' database_2                
2 4 'Structure model' pdbx_nmr_software         
3 4 'Structure model' pdbx_nmr_spectrometer     
4 4 'Structure model' pdbx_struct_assembly      
5 4 'Structure model' pdbx_struct_oper_list     
6 5 'Structure model' chem_comp_atom            
7 5 'Structure model' chem_comp_bond            
8 5 'Structure model' pdbx_entry_details        
9 5 'Structure model' pdbx_modification_feature 
# 
loop_
_pdbx_audit_revision_item.ordinal 
_pdbx_audit_revision_item.revision_ordinal 
_pdbx_audit_revision_item.data_content_type 
_pdbx_audit_revision_item.item 
1 4 'Structure model' '_database_2.pdbx_DOI'                
2 4 'Structure model' '_database_2.pdbx_database_accession' 
3 4 'Structure model' '_pdbx_nmr_software.name'             
4 4 'Structure model' '_pdbx_nmr_spectrometer.model'        
# 
_pdbx_database_status.status_code                     REL 
_pdbx_database_status.entry_id                        1L6H 
_pdbx_database_status.recvd_initial_deposition_date   2002-03-11 
_pdbx_database_status.deposit_site                    RCSB 
_pdbx_database_status.process_site                    PDBJ 
_pdbx_database_status.SG_entry                        . 
_pdbx_database_status.pdb_format_compatible           Y 
_pdbx_database_status.status_code_mr                  ? 
_pdbx_database_status.status_code_sf                  ? 
_pdbx_database_status.status_code_cs                  ? 
_pdbx_database_status.status_code_nmr_data            ? 
_pdbx_database_status.methods_development_category    ? 
# 
loop_
_audit_author.name 
_audit_author.pdbx_ordinal 
'Samuel, D.' 1 
'Lyu, P.-C.' 2 
# 
loop_
_citation.id 
_citation.title 
_citation.journal_abbrev 
_citation.journal_volume 
_citation.page_first 
_citation.page_last 
_citation.year 
_citation.journal_id_ASTM 
_citation.country 
_citation.journal_id_ISSN 
_citation.journal_id_CSD 
_citation.book_publisher 
_citation.pdbx_database_id_PubMed 
_citation.pdbx_database_id_DOI 
primary 'Solution structure of plant nonspecific lipid transfer protein-2 from rice (Oryza sativa).'                        
J.Biol.Chem.                277 35267 35273 2002 JBCHA3 US 0021-9258 0071 ? 12011089 10.1074/jbc.M203113200          
1       'Purification and characterization of a novel 7-kDa non-specific lipid transfer protein-2 from rice (Oryza sativa)' 
Biochem.Biophys.Res.Commun. 294 535   540   2002 BBRCA9 US 0006-291X 0146 ? ?        '10.1016/S0006-291X(02)00509-0' 
# 
loop_
_citation_author.citation_id 
_citation_author.name 
_citation_author.ordinal 
_citation_author.identifier_ORCID 
primary 'Samuel, D.'  1 ? 
primary 'Liu, Y.J.'   2 ? 
primary 'Cheng, C.S.' 3 ? 
primary 'Lyu, P.C.'   4 ? 
1       'Liu, Y.-J.'  5 ? 
1       'Samuel, D.'  6 ? 
1       'Lin, C.-H.'  7 ? 
1       'Lyu, P.-C.'  8 ? 
# 
_entity.id                         1 
_entity.type                       polymer 
_entity.src_method                 nat 
_entity.pdbx_description           'Non-Specific Lipid Transfer Protein' 
_entity.formula_weight             7017.030 
_entity.pdbx_number_of_molecules   1 
_entity.pdbx_ec                    ? 
_entity.pdbx_mutation              ? 
_entity.pdbx_fragment              ? 
_entity.details                    ? 
# 
_entity_name_com.entity_id   1 
_entity_name_com.name        LTP2 
# 
_entity_poly.entity_id                      1 
_entity_poly.type                           'polypeptide(L)' 
_entity_poly.nstd_linkage                   no 
_entity_poly.nstd_monomer                   no 
_entity_poly.pdbx_seq_one_letter_code       AGCNAGQLTVCTGAIAGGARPTAACCSSLRAQQGCFCQFAKDPRYGRYVNSPNARKAVSSCGIALPTCH 
_entity_poly.pdbx_seq_one_letter_code_can   AGCNAGQLTVCTGAIAGGARPTAACCSSLRAQQGCFCQFAKDPRYGRYVNSPNARKAVSSCGIALPTCH 
_entity_poly.pdbx_strand_id                 A 
_entity_poly.pdbx_target_identifier         ? 
# 
loop_
_entity_poly_seq.entity_id 
_entity_poly_seq.num 
_entity_poly_seq.mon_id 
_entity_poly_seq.hetero 
1 1  ALA n 
1 2  GLY n 
1 3  CYS n 
1 4  ASN n 
1 5  ALA n 
1 6  GLY n 
1 7  GLN n 
1 8  LEU n 
1 9  THR n 
1 10 VAL n 
1 11 CYS n 
1 12 THR n 
1 13 GLY n 
1 14 ALA n 
1 15 ILE n 
1 16 ALA n 
1 17 GLY n 
1 18 GLY n 
1 19 ALA n 
1 20 ARG n 
1 21 PRO n 
1 22 THR n 
1 23 ALA n 
1 24 ALA n 
1 25 CYS n 
1 26 CYS n 
1 27 SER n 
1 28 SER n 
1 29 LEU n 
1 30 ARG n 
1 31 ALA n 
1 32 GLN n 
1 33 GLN n 
1 34 GLY n 
1 35 CYS n 
1 36 PHE n 
1 37 CYS n 
1 38 GLN n 
1 39 PHE n 
1 40 ALA n 
1 41 LYS n 
1 42 ASP n 
1 43 PRO n 
1 44 ARG n 
1 45 TYR n 
1 46 GLY n 
1 47 ARG n 
1 48 TYR n 
1 49 VAL n 
1 50 ASN n 
1 51 SER n 
1 52 PRO n 
1 53 ASN n 
1 54 ALA n 
1 55 ARG n 
1 56 LYS n 
1 57 ALA n 
1 58 VAL n 
1 59 SER n 
1 60 SER n 
1 61 CYS n 
1 62 GLY n 
1 63 ILE n 
1 64 ALA n 
1 65 LEU n 
1 66 PRO n 
1 67 THR n 
1 68 CYS n 
1 69 HIS n 
# 
_entity_src_nat.entity_id                  1 
_entity_src_nat.pdbx_src_id                1 
_entity_src_nat.pdbx_alt_source_flag       sample 
_entity_src_nat.pdbx_beg_seq_num           ? 
_entity_src_nat.pdbx_end_seq_num           ? 
_entity_src_nat.common_name                rice 
_entity_src_nat.pdbx_organism_scientific   'Oryza sativa' 
_entity_src_nat.pdbx_ncbi_taxonomy_id      4530 
_entity_src_nat.genus                      Oryza 
_entity_src_nat.species                    ? 
_entity_src_nat.strain                     ? 
_entity_src_nat.tissue                     ? 
_entity_src_nat.tissue_fraction            ? 
_entity_src_nat.pdbx_secretion             ? 
_entity_src_nat.pdbx_fragment              ? 
_entity_src_nat.pdbx_variant               ? 
_entity_src_nat.pdbx_cell_line             ? 
_entity_src_nat.pdbx_atcc                  ? 
_entity_src_nat.pdbx_cellular_location     ? 
_entity_src_nat.pdbx_organ                 ? 
_entity_src_nat.pdbx_organelle             ? 
_entity_src_nat.pdbx_cell                  ? 
_entity_src_nat.pdbx_plasmid_name          ? 
_entity_src_nat.pdbx_plasmid_details       ? 
_entity_src_nat.details                    ? 
# 
loop_
_chem_comp.id 
_chem_comp.type 
_chem_comp.mon_nstd_flag 
_chem_comp.name 
_chem_comp.pdbx_synonyms 
_chem_comp.formula 
_chem_comp.formula_weight 
ALA 'L-peptide linking' y ALANINE         ? 'C3 H7 N O2'     89.093  
ARG 'L-peptide linking' y ARGININE        ? 'C6 H15 N4 O2 1' 175.209 
ASN 'L-peptide linking' y ASPARAGINE      ? 'C4 H8 N2 O3'    132.118 
ASP 'L-peptide linking' y 'ASPARTIC ACID' ? 'C4 H7 N O4'     133.103 
CYS 'L-peptide linking' y CYSTEINE        ? 'C3 H7 N O2 S'   121.158 
GLN 'L-peptide linking' y GLUTAMINE       ? 'C5 H10 N2 O3'   146.144 
GLY 'peptide linking'   y GLYCINE         ? 'C2 H5 N O2'     75.067  
HIS 'L-peptide linking' y HISTIDINE       ? 'C6 H10 N3 O2 1' 156.162 
ILE 'L-peptide linking' y ISOLEUCINE      ? 'C6 H13 N O2'    131.173 
LEU 'L-peptide linking' y LEUCINE         ? 'C6 H13 N O2'    131.173 
LYS 'L-peptide linking' y LYSINE          ? 'C6 H15 N2 O2 1' 147.195 
PHE 'L-peptide linking' y PHENYLALANINE   ? 'C9 H11 N O2'    165.189 
PRO 'L-peptide linking' y PROLINE         ? 'C5 H9 N O2'     115.130 
SER 'L-peptide linking' y SERINE          ? 'C3 H7 N O3'     105.093 
THR 'L-peptide linking' y THREONINE       ? 'C4 H9 N O3'     119.119 
TYR 'L-peptide linking' y TYROSINE        ? 'C9 H11 N O3'    181.189 
VAL 'L-peptide linking' y VALINE          ? 'C5 H11 N O2'    117.146 
# 
loop_
_pdbx_poly_seq_scheme.asym_id 
_pdbx_poly_seq_scheme.entity_id 
_pdbx_poly_seq_scheme.seq_id 
_pdbx_poly_seq_scheme.mon_id 
_pdbx_poly_seq_scheme.ndb_seq_num 
_pdbx_poly_seq_scheme.pdb_seq_num 
_pdbx_poly_seq_scheme.auth_seq_num 
_pdbx_poly_seq_scheme.pdb_mon_id 
_pdbx_poly_seq_scheme.auth_mon_id 
_pdbx_poly_seq_scheme.pdb_strand_id 
_pdbx_poly_seq_scheme.pdb_ins_code 
_pdbx_poly_seq_scheme.hetero 
A 1 1  ALA 1  1  1  ALA ALA A . n 
A 1 2  GLY 2  2  2  GLY GLY A . n 
A 1 3  CYS 3  3  3  CYS CYS A . n 
A 1 4  ASN 4  4  4  ASN ASN A . n 
A 1 5  ALA 5  5  5  ALA ALA A . n 
A 1 6  GLY 6  6  6  GLY GLY A . n 
A 1 7  GLN 7  7  7  GLN GLN A . n 
A 1 8  LEU 8  8  8  LEU LEU A . n 
A 1 9  THR 9  9  9  THR THR A . n 
A 1 10 VAL 10 10 10 VAL VAL A . n 
A 1 11 CYS 11 11 11 CYS CYS A . n 
A 1 12 THR 12 12 12 THR THR A . n 
A 1 13 GLY 13 13 13 GLY GLY A . n 
A 1 14 ALA 14 14 14 ALA ALA A . n 
A 1 15 ILE 15 15 15 ILE ILE A . n 
A 1 16 ALA 16 16 16 ALA ALA A . n 
A 1 17 GLY 17 17 17 GLY GLY A . n 
A 1 18 GLY 18 18 18 GLY GLY A . n 
A 1 19 ALA 19 19 19 ALA ALA A . n 
A 1 20 ARG 20 20 20 ARG ARG A . n 
A 1 21 PRO 21 21 21 PRO PRO A . n 
A 1 22 THR 22 22 22 THR THR A . n 
A 1 23 ALA 23 23 23 ALA ALA A . n 
A 1 24 ALA 24 24 24 ALA ALA A . n 
A 1 25 CYS 25 25 25 CYS CYS A . n 
A 1 26 CYS 26 26 26 CYS CYS A . n 
A 1 27 SER 27 27 27 SER SER A . n 
A 1 28 SER 28 28 28 SER SER A . n 
A 1 29 LEU 29 29 29 LEU LEU A . n 
A 1 30 ARG 30 30 30 ARG ARG A . n 
A 1 31 ALA 31 31 31 ALA ALA A . n 
A 1 32 GLN 32 32 32 GLN GLN A . n 
A 1 33 GLN 33 33 33 GLN GLN A . n 
A 1 34 GLY 34 34 34 GLY GLY A . n 
A 1 35 CYS 35 35 35 CYS CYS A . n 
A 1 36 PHE 36 36 36 PHE PHE A . n 
A 1 37 CYS 37 37 37 CYS CYS A . n 
A 1 38 GLN 38 38 38 GLN GLN A . n 
A 1 39 PHE 39 39 39 PHE PHE A . n 
A 1 40 ALA 40 40 40 ALA ALA A . n 
A 1 41 LYS 41 41 41 LYS LYS A . n 
A 1 42 ASP 42 42 42 ASP ASP A . n 
A 1 43 PRO 43 43 43 PRO PRO A . n 
A 1 44 ARG 44 44 44 ARG ARG A . n 
A 1 45 TYR 45 45 45 TYR TYR A . n 
A 1 46 GLY 46 46 46 GLY GLY A . n 
A 1 47 ARG 47 47 47 ARG ARG A . n 
A 1 48 TYR 48 48 48 TYR TYR A . n 
A 1 49 VAL 49 49 49 VAL VAL A . n 
A 1 50 ASN 50 50 50 ASN ASN A . n 
A 1 51 SER 51 51 51 SER SER A . n 
A 1 52 PRO 52 52 52 PRO PRO A . n 
A 1 53 ASN 53 53 53 ASN ASN A . n 
A 1 54 ALA 54 54 54 ALA ALA A . n 
A 1 55 ARG 55 55 55 ARG ARG A . n 
A 1 56 LYS 56 56 56 LYS LYS A . n 
A 1 57 ALA 57 57 57 ALA ALA A . n 
A 1 58 VAL 58 58 58 VAL VAL A . n 
A 1 59 SER 59 59 59 SER SER A . n 
A 1 60 SER 60 60 60 SER SER A . n 
A 1 61 CYS 61 61 61 CYS CYS A . n 
A 1 62 GLY 62 62 62 GLY GLY A . n 
A 1 63 ILE 63 63 63 ILE ILE A . n 
A 1 64 ALA 64 64 64 ALA ALA A . n 
A 1 65 LEU 65 65 65 LEU LEU A . n 
A 1 66 PRO 66 66 66 PRO PRO A . n 
A 1 67 THR 67 67 67 THR THR A . n 
A 1 68 CYS 68 68 68 CYS CYS A . n 
A 1 69 HIS 69 69 69 HIS HIS A . n 
# 
_exptl.entry_id          1L6H 
_exptl.method            'SOLUTION NMR' 
_exptl.crystals_number   ? 
# 
_exptl_crystal.id                    1 
_exptl_crystal.density_meas          ? 
_exptl_crystal.density_Matthews      ? 
_exptl_crystal.density_percent_sol   ? 
_exptl_crystal.description           ? 
# 
_diffrn.id                     1 
_diffrn.crystal_id             1 
_diffrn.ambient_temp           ? 
_diffrn.ambient_temp_details   ? 
# 
_diffrn_radiation.diffrn_id                        1 
_diffrn_radiation.wavelength_id                    1 
_diffrn_radiation.pdbx_monochromatic_or_laue_m_l   M 
_diffrn_radiation.monochromator                    ? 
_diffrn_radiation.pdbx_diffrn_protocol             'SINGLE WAVELENGTH' 
_diffrn_radiation.pdbx_scattering_type             ? 
# 
_diffrn_radiation_wavelength.id           1 
_diffrn_radiation_wavelength.wavelength   . 
_diffrn_radiation_wavelength.wt           1.0 
# 
_struct.entry_id                  1L6H 
_struct.title                     'Solution Structure of Plant nsLTP2 purified from Rice (oryza Sativa)' 
_struct.pdbx_model_details        ? 
_struct.pdbx_CASP_flag            ? 
_struct.pdbx_model_type_details   'minimized average' 
# 
_struct_keywords.entry_id        1L6H 
_struct_keywords.pdbx_keywords   'LIPID TRANSPORT' 
_struct_keywords.text            'nsLTP2, Plant LTP, lipid transfer, LIPID TRANSPORT' 
# 
_struct_asym.id                            A 
_struct_asym.pdbx_blank_PDB_chainid_flag   N 
_struct_asym.pdbx_modified                 N 
_struct_asym.entity_id                     1 
_struct_asym.details                       ? 
# 
_struct_ref.id                         1 
_struct_ref.db_name                    UNP 
_struct_ref.db_code                    NLTPX_ORYSA 
_struct_ref.entity_id                  1 
_struct_ref.pdbx_seq_one_letter_code   AGCNAGQLTVCTGAIAGGARPTAACCSSLRAQQGCFCQFAKDPRYGRYVNSPNARKAVSSCGIALPTCH 
_struct_ref.pdbx_align_begin           1 
_struct_ref.pdbx_db_accession          P83210 
_struct_ref.pdbx_db_isoform            ? 
# 
_struct_ref_seq.align_id                      1 
_struct_ref_seq.ref_id                        1 
_struct_ref_seq.pdbx_PDB_id_code              1L6H 
_struct_ref_seq.pdbx_strand_id                A 
_struct_ref_seq.seq_align_beg                 1 
_struct_ref_seq.pdbx_seq_align_beg_ins_code   ? 
_struct_ref_seq.seq_align_end                 69 
_struct_ref_seq.pdbx_seq_align_end_ins_code   ? 
_struct_ref_seq.pdbx_db_accession             P83210 
_struct_ref_seq.db_align_beg                  1 
_struct_ref_seq.pdbx_db_align_beg_ins_code    ? 
_struct_ref_seq.db_align_end                  69 
_struct_ref_seq.pdbx_db_align_end_ins_code    ? 
_struct_ref_seq.pdbx_auth_seq_align_beg       1 
_struct_ref_seq.pdbx_auth_seq_align_end       69 
# 
_pdbx_struct_assembly.id                   1 
_pdbx_struct_assembly.details              author_defined_assembly 
_pdbx_struct_assembly.method_details       ? 
_pdbx_struct_assembly.oligomeric_details   monomeric 
_pdbx_struct_assembly.oligomeric_count     1 
# 
_pdbx_struct_assembly_gen.assembly_id       1 
_pdbx_struct_assembly_gen.oper_expression   1 
_pdbx_struct_assembly_gen.asym_id_list      A 
# 
_pdbx_struct_oper_list.id                   1 
_pdbx_struct_oper_list.type                 'identity operation' 
_pdbx_struct_oper_list.name                 1_555 
_pdbx_struct_oper_list.symmetry_operation   x,y,z 
_pdbx_struct_oper_list.matrix[1][1]         1.0000000000 
_pdbx_struct_oper_list.matrix[1][2]         0.0000000000 
_pdbx_struct_oper_list.matrix[1][3]         0.0000000000 
_pdbx_struct_oper_list.vector[1]            0.0000000000 
_pdbx_struct_oper_list.matrix[2][1]         0.0000000000 
_pdbx_struct_oper_list.matrix[2][2]         1.0000000000 
_pdbx_struct_oper_list.matrix[2][3]         0.0000000000 
_pdbx_struct_oper_list.vector[2]            0.0000000000 
_pdbx_struct_oper_list.matrix[3][1]         0.0000000000 
_pdbx_struct_oper_list.matrix[3][2]         0.0000000000 
_pdbx_struct_oper_list.matrix[3][3]         1.0000000000 
_pdbx_struct_oper_list.vector[3]            0.0000000000 
# 
_struct_biol.id   1 
# 
loop_
_struct_conf.conf_type_id 
_struct_conf.id 
_struct_conf.pdbx_PDB_helix_id 
_struct_conf.beg_label_comp_id 
_struct_conf.beg_label_asym_id 
_struct_conf.beg_label_seq_id 
_struct_conf.pdbx_beg_PDB_ins_code 
_struct_conf.end_label_comp_id 
_struct_conf.end_label_asym_id 
_struct_conf.end_label_seq_id 
_struct_conf.pdbx_end_PDB_ins_code 
_struct_conf.beg_auth_comp_id 
_struct_conf.beg_auth_asym_id 
_struct_conf.beg_auth_seq_id 
_struct_conf.end_auth_comp_id 
_struct_conf.end_auth_asym_id 
_struct_conf.end_auth_seq_id 
_struct_conf.pdbx_PDB_helix_class 
_struct_conf.details 
_struct_conf.pdbx_PDB_helix_length 
HELX_P HELX_P1 1 GLN A 7  ? ALA A 16 ? GLN A 7  ALA A 16 1 ? 10 
HELX_P HELX_P2 2 THR A 22 ? ALA A 40 ? THR A 22 ALA A 40 1 ? 19 
HELX_P HELX_P3 3 ARG A 44 ? VAL A 49 ? ARG A 44 VAL A 49 1 ? 6  
HELX_P HELX_P4 4 ASN A 53 ? ALA A 57 ? ASN A 53 ALA A 57 5 ? 5  
# 
_struct_conf_type.id          HELX_P 
_struct_conf_type.criteria    ? 
_struct_conf_type.reference   ? 
# 
loop_
_struct_conn.id 
_struct_conn.conn_type_id 
_struct_conn.pdbx_leaving_atom_flag 
_struct_conn.pdbx_PDB_id 
_struct_conn.ptnr1_label_asym_id 
_struct_conn.ptnr1_label_comp_id 
_struct_conn.ptnr1_label_seq_id 
_struct_conn.ptnr1_label_atom_id 
_struct_conn.pdbx_ptnr1_label_alt_id 
_struct_conn.pdbx_ptnr1_PDB_ins_code 
_struct_conn.pdbx_ptnr1_standard_comp_id 
_struct_conn.ptnr1_symmetry 
_struct_conn.ptnr2_label_asym_id 
_struct_conn.ptnr2_label_comp_id 
_struct_conn.ptnr2_label_seq_id 
_struct_conn.ptnr2_label_atom_id 
_struct_conn.pdbx_ptnr2_label_alt_id 
_struct_conn.pdbx_ptnr2_PDB_ins_code 
_struct_conn.ptnr1_auth_asym_id 
_struct_conn.ptnr1_auth_comp_id 
_struct_conn.ptnr1_auth_seq_id 
_struct_conn.ptnr2_auth_asym_id 
_struct_conn.ptnr2_auth_comp_id 
_struct_conn.ptnr2_auth_seq_id 
_struct_conn.ptnr2_symmetry 
_struct_conn.pdbx_ptnr3_label_atom_id 
_struct_conn.pdbx_ptnr3_label_seq_id 
_struct_conn.pdbx_ptnr3_label_comp_id 
_struct_conn.pdbx_ptnr3_label_asym_id 
_struct_conn.pdbx_ptnr3_label_alt_id 
_struct_conn.pdbx_ptnr3_PDB_ins_code 
_struct_conn.details 
_struct_conn.pdbx_dist_value 
_struct_conn.pdbx_value_order 
_struct_conn.pdbx_role 
disulf1 disulf ? ? A CYS 3  SG ? ? ? 1_555 A CYS 35 SG ? ? A CYS 3  A CYS 35 1_555 ? ? ? ? ? ? ? 2.018 ? ? 
disulf2 disulf ? ? A CYS 11 SG ? ? ? 1_555 A CYS 25 SG ? ? A CYS 11 A CYS 25 1_555 ? ? ? ? ? ? ? 2.035 ? ? 
disulf3 disulf ? ? A CYS 26 SG ? ? ? 1_555 A CYS 61 SG ? ? A CYS 26 A CYS 61 1_555 ? ? ? ? ? ? ? 2.041 ? ? 
disulf4 disulf ? ? A CYS 37 SG ? ? ? 1_555 A CYS 68 SG ? ? A CYS 37 A CYS 68 1_555 ? ? ? ? ? ? ? 2.046 ? ? 
# 
_struct_conn_type.id          disulf 
_struct_conn_type.criteria    ? 
_struct_conn_type.reference   ? 
# 
loop_
_pdbx_modification_feature.ordinal 
_pdbx_modification_feature.label_comp_id 
_pdbx_modification_feature.label_asym_id 
_pdbx_modification_feature.label_seq_id 
_pdbx_modification_feature.label_alt_id 
_pdbx_modification_feature.modified_residue_label_comp_id 
_pdbx_modification_feature.modified_residue_label_asym_id 
_pdbx_modification_feature.modified_residue_label_seq_id 
_pdbx_modification_feature.modified_residue_label_alt_id 
_pdbx_modification_feature.auth_comp_id 
_pdbx_modification_feature.auth_asym_id 
_pdbx_modification_feature.auth_seq_id 
_pdbx_modification_feature.PDB_ins_code 
_pdbx_modification_feature.symmetry 
_pdbx_modification_feature.modified_residue_auth_comp_id 
_pdbx_modification_feature.modified_residue_auth_asym_id 
_pdbx_modification_feature.modified_residue_auth_seq_id 
_pdbx_modification_feature.modified_residue_PDB_ins_code 
_pdbx_modification_feature.modified_residue_symmetry 
_pdbx_modification_feature.comp_id_linking_atom 
_pdbx_modification_feature.modified_residue_id_linking_atom 
_pdbx_modification_feature.modified_residue_id 
_pdbx_modification_feature.ref_pcm_id 
_pdbx_modification_feature.ref_comp_id 
_pdbx_modification_feature.type 
_pdbx_modification_feature.category 
1 CYS A 3  ? CYS A 35 ? CYS A 3  ? 1_555 CYS A 35 ? 1_555 SG SG . . . None 'Disulfide bridge' 
2 CYS A 11 ? CYS A 25 ? CYS A 11 ? 1_555 CYS A 25 ? 1_555 SG SG . . . None 'Disulfide bridge' 
3 CYS A 26 ? CYS A 61 ? CYS A 26 ? 1_555 CYS A 61 ? 1_555 SG SG . . . None 'Disulfide bridge' 
4 CYS A 37 ? CYS A 68 ? CYS A 37 ? 1_555 CYS A 68 ? 1_555 SG SG . . . None 'Disulfide bridge' 
# 
_pdbx_entry_details.entry_id                   1L6H 
_pdbx_entry_details.compound_details           ? 
_pdbx_entry_details.source_details             ? 
_pdbx_entry_details.nonpolymer_details         ? 
_pdbx_entry_details.sequence_details           ? 
_pdbx_entry_details.has_ligand_of_interest     ? 
_pdbx_entry_details.has_protein_modification   Y 
# 
loop_
_pdbx_validate_rmsd_angle.id 
_pdbx_validate_rmsd_angle.PDB_model_num 
_pdbx_validate_rmsd_angle.auth_atom_id_1 
_pdbx_validate_rmsd_angle.auth_asym_id_1 
_pdbx_validate_rmsd_angle.auth_comp_id_1 
_pdbx_validate_rmsd_angle.auth_seq_id_1 
_pdbx_validate_rmsd_angle.PDB_ins_code_1 
_pdbx_validate_rmsd_angle.label_alt_id_1 
_pdbx_validate_rmsd_angle.auth_atom_id_2 
_pdbx_validate_rmsd_angle.auth_asym_id_2 
_pdbx_validate_rmsd_angle.auth_comp_id_2 
_pdbx_validate_rmsd_angle.auth_seq_id_2 
_pdbx_validate_rmsd_angle.PDB_ins_code_2 
_pdbx_validate_rmsd_angle.label_alt_id_2 
_pdbx_validate_rmsd_angle.auth_atom_id_3 
_pdbx_validate_rmsd_angle.auth_asym_id_3 
_pdbx_validate_rmsd_angle.auth_comp_id_3 
_pdbx_validate_rmsd_angle.auth_seq_id_3 
_pdbx_validate_rmsd_angle.PDB_ins_code_3 
_pdbx_validate_rmsd_angle.label_alt_id_3 
_pdbx_validate_rmsd_angle.angle_value 
_pdbx_validate_rmsd_angle.angle_target_value 
_pdbx_validate_rmsd_angle.angle_deviation 
_pdbx_validate_rmsd_angle.angle_standard_deviation 
_pdbx_validate_rmsd_angle.linker_flag 
1 1 CA A CYS 11 ? ? CB A CYS 11 ? ? SG A CYS 11 ? ? 121.99 114.20 7.79  1.10 N 
2 1 CB A ALA 40 ? ? CA A ALA 40 ? ? C  A ALA 40 ? ? 101.01 110.10 -9.09 1.50 N 
3 1 CA A CYS 61 ? ? CB A CYS 61 ? ? SG A CYS 61 ? ? 121.40 114.20 7.20  1.10 N 
4 1 CA A CYS 68 ? ? CB A CYS 68 ? ? SG A CYS 68 ? ? 129.59 114.20 15.39 1.10 N 
# 
loop_
_pdbx_validate_torsion.id 
_pdbx_validate_torsion.PDB_model_num 
_pdbx_validate_torsion.auth_comp_id 
_pdbx_validate_torsion.auth_asym_id 
_pdbx_validate_torsion.auth_seq_id 
_pdbx_validate_torsion.PDB_ins_code 
_pdbx_validate_torsion.label_alt_id 
_pdbx_validate_torsion.phi 
_pdbx_validate_torsion.psi 
1  1 CYS A 3  ? ? -163.55 35.73   
2  1 THR A 9  ? ? -36.42  -37.90  
3  1 CYS A 11 ? ? -67.26  14.04   
4  1 ALA A 19 ? ? -63.01  94.35   
5  1 ARG A 44 ? ? -145.01 -3.09   
6  1 TYR A 48 ? ? -86.66  -75.93  
7  1 SER A 51 ? ? -147.50 -82.36  
8  1 ASN A 53 ? ? -135.15 -33.43  
9  1 ALA A 57 ? ? -159.86 70.28   
10 1 SER A 59 ? ? 112.04  -112.44 
11 1 SER A 60 ? ? 99.27   55.66   
12 1 ALA A 64 ? ? 143.56  -24.02  
13 1 LEU A 65 ? ? 76.66   67.46   
14 1 PRO A 66 ? ? -68.27  29.87   
15 1 CYS A 68 ? ? -85.62  41.68   
# 
loop_
_pdbx_validate_peptide_omega.id 
_pdbx_validate_peptide_omega.PDB_model_num 
_pdbx_validate_peptide_omega.auth_comp_id_1 
_pdbx_validate_peptide_omega.auth_asym_id_1 
_pdbx_validate_peptide_omega.auth_seq_id_1 
_pdbx_validate_peptide_omega.PDB_ins_code_1 
_pdbx_validate_peptide_omega.label_alt_id_1 
_pdbx_validate_peptide_omega.auth_comp_id_2 
_pdbx_validate_peptide_omega.auth_asym_id_2 
_pdbx_validate_peptide_omega.auth_seq_id_2 
_pdbx_validate_peptide_omega.PDB_ins_code_2 
_pdbx_validate_peptide_omega.label_alt_id_2 
_pdbx_validate_peptide_omega.omega 
1 1 ASN A 50 ? ? SER A 51 ? ? 128.89  
2 1 SER A 51 ? ? PRO A 52 ? ? -136.39 
3 1 SER A 59 ? ? SER A 60 ? ? -136.52 
4 1 ILE A 63 ? ? ALA A 64 ? ? 122.14  
5 1 ALA A 64 ? ? LEU A 65 ? ? -147.28 
# 
loop_
_pdbx_validate_planes.id 
_pdbx_validate_planes.PDB_model_num 
_pdbx_validate_planes.auth_comp_id 
_pdbx_validate_planes.auth_asym_id 
_pdbx_validate_planes.auth_seq_id 
_pdbx_validate_planes.PDB_ins_code 
_pdbx_validate_planes.label_alt_id 
_pdbx_validate_planes.rmsd 
_pdbx_validate_planes.type 
1 1 PHE A 39 ? ? 0.080 'SIDE CHAIN' 
2 1 TYR A 45 ? ? 0.133 'SIDE CHAIN' 
# 
_pdbx_nmr_ensemble.entry_id                             1L6H 
_pdbx_nmr_ensemble.conformers_calculated_total_number   ? 
_pdbx_nmr_ensemble.conformers_submitted_total_number    1 
_pdbx_nmr_ensemble.conformer_selection_criteria         ? 
# 
_pdbx_nmr_representative.entry_id             1L6H 
_pdbx_nmr_representative.conformer_id         1 
_pdbx_nmr_representative.selection_criteria   'minimized average structure' 
# 
_pdbx_nmr_sample_details.solution_id      1 
_pdbx_nmr_sample_details.contents         ? 
_pdbx_nmr_sample_details.solvent_system   '90% H2O/10% D2O' 
# 
_pdbx_nmr_exptl_sample_conditions.conditions_id       1 
_pdbx_nmr_exptl_sample_conditions.temperature         298 
_pdbx_nmr_exptl_sample_conditions.pressure            ? 
_pdbx_nmr_exptl_sample_conditions.pH                  6.4 
_pdbx_nmr_exptl_sample_conditions.ionic_strength      ? 
_pdbx_nmr_exptl_sample_conditions.pressure_units      ? 
_pdbx_nmr_exptl_sample_conditions.temperature_units   K 
# 
loop_
_pdbx_nmr_exptl.experiment_id 
_pdbx_nmr_exptl.solution_id 
_pdbx_nmr_exptl.conditions_id 
_pdbx_nmr_exptl.type 
1 1 1 DQF-COSY   
2 1 1 '2D NOESY' 
3 1 1 TOCSY      
# 
_pdbx_nmr_refine.entry_id           1L6H 
_pdbx_nmr_refine.method             'simulated annealing' 
_pdbx_nmr_refine.details            
;The structure was based on a total of 862 distance constraints, 813 are NOE-derived distance constrains, 30 diestance restraints from hydrogen bonds, 19 dihedral angle restrains.
;
_pdbx_nmr_refine.software_ordinal   1 
# 
loop_
_pdbx_nmr_software.name 
_pdbx_nmr_software.version 
_pdbx_nmr_software.classification 
_pdbx_nmr_software.authors 
_pdbx_nmr_software.ordinal 
XwinNMR 2.1 collection           Bruker  1 
XwinNMR 2.1 processing           Bruker  2 
X-PLOR  3.8 'structure solution' Brugner 3 
X-PLOR  3.8 refinement           Brugner 4 
# 
loop_
_chem_comp_atom.comp_id 
_chem_comp_atom.atom_id 
_chem_comp_atom.type_symbol 
_chem_comp_atom.pdbx_aromatic_flag 
_chem_comp_atom.pdbx_stereo_config 
_chem_comp_atom.pdbx_ordinal 
ALA N    N N N 1   
ALA CA   C N S 2   
ALA C    C N N 3   
ALA O    O N N 4   
ALA CB   C N N 5   
ALA OXT  O N N 6   
ALA H    H N N 7   
ALA H2   H N N 8   
ALA HA   H N N 9   
ALA HB1  H N N 10  
ALA HB2  H N N 11  
ALA HB3  H N N 12  
ALA HXT  H N N 13  
ARG N    N N N 14  
ARG CA   C N S 15  
ARG C    C N N 16  
ARG O    O N N 17  
ARG CB   C N N 18  
ARG CG   C N N 19  
ARG CD   C N N 20  
ARG NE   N N N 21  
ARG CZ   C N N 22  
ARG NH1  N N N 23  
ARG NH2  N N N 24  
ARG OXT  O N N 25  
ARG H    H N N 26  
ARG H2   H N N 27  
ARG HA   H N N 28  
ARG HB2  H N N 29  
ARG HB3  H N N 30  
ARG HG2  H N N 31  
ARG HG3  H N N 32  
ARG HD2  H N N 33  
ARG HD3  H N N 34  
ARG HE   H N N 35  
ARG HH11 H N N 36  
ARG HH12 H N N 37  
ARG HH21 H N N 38  
ARG HH22 H N N 39  
ARG HXT  H N N 40  
ASN N    N N N 41  
ASN CA   C N S 42  
ASN C    C N N 43  
ASN O    O N N 44  
ASN CB   C N N 45  
ASN CG   C N N 46  
ASN OD1  O N N 47  
ASN ND2  N N N 48  
ASN OXT  O N N 49  
ASN H    H N N 50  
ASN H2   H N N 51  
ASN HA   H N N 52  
ASN HB2  H N N 53  
ASN HB3  H N N 54  
ASN HD21 H N N 55  
ASN HD22 H N N 56  
ASN HXT  H N N 57  
ASP N    N N N 58  
ASP CA   C N S 59  
ASP C    C N N 60  
ASP O    O N N 61  
ASP CB   C N N 62  
ASP CG   C N N 63  
ASP OD1  O N N 64  
ASP OD2  O N N 65  
ASP OXT  O N N 66  
ASP H    H N N 67  
ASP H2   H N N 68  
ASP HA   H N N 69  
ASP HB2  H N N 70  
ASP HB3  H N N 71  
ASP HD2  H N N 72  
ASP HXT  H N N 73  
CYS N    N N N 74  
CYS CA   C N R 75  
CYS C    C N N 76  
CYS O    O N N 77  
CYS CB   C N N 78  
CYS SG   S N N 79  
CYS OXT  O N N 80  
CYS H    H N N 81  
CYS H2   H N N 82  
CYS HA   H N N 83  
CYS HB2  H N N 84  
CYS HB3  H N N 85  
CYS HG   H N N 86  
CYS HXT  H N N 87  
GLN N    N N N 88  
GLN CA   C N S 89  
GLN C    C N N 90  
GLN O    O N N 91  
GLN CB   C N N 92  
GLN CG   C N N 93  
GLN CD   C N N 94  
GLN OE1  O N N 95  
GLN NE2  N N N 96  
GLN OXT  O N N 97  
GLN H    H N N 98  
GLN H2   H N N 99  
GLN HA   H N N 100 
GLN HB2  H N N 101 
GLN HB3  H N N 102 
GLN HG2  H N N 103 
GLN HG3  H N N 104 
GLN HE21 H N N 105 
GLN HE22 H N N 106 
GLN HXT  H N N 107 
GLY N    N N N 108 
GLY CA   C N N 109 
GLY C    C N N 110 
GLY O    O N N 111 
GLY OXT  O N N 112 
GLY H    H N N 113 
GLY H2   H N N 114 
GLY HA2  H N N 115 
GLY HA3  H N N 116 
GLY HXT  H N N 117 
HIS N    N N N 118 
HIS CA   C N S 119 
HIS C    C N N 120 
HIS O    O N N 121 
HIS CB   C N N 122 
HIS CG   C Y N 123 
HIS ND1  N Y N 124 
HIS CD2  C Y N 125 
HIS CE1  C Y N 126 
HIS NE2  N Y N 127 
HIS OXT  O N N 128 
HIS H    H N N 129 
HIS H2   H N N 130 
HIS HA   H N N 131 
HIS HB2  H N N 132 
HIS HB3  H N N 133 
HIS HD1  H N N 134 
HIS HD2  H N N 135 
HIS HE1  H N N 136 
HIS HE2  H N N 137 
HIS HXT  H N N 138 
ILE N    N N N 139 
ILE CA   C N S 140 
ILE C    C N N 141 
ILE O    O N N 142 
ILE CB   C N S 143 
ILE CG1  C N N 144 
ILE CG2  C N N 145 
ILE CD1  C N N 146 
ILE OXT  O N N 147 
ILE H    H N N 148 
ILE H2   H N N 149 
ILE HA   H N N 150 
ILE HB   H N N 151 
ILE HG12 H N N 152 
ILE HG13 H N N 153 
ILE HG21 H N N 154 
ILE HG22 H N N 155 
ILE HG23 H N N 156 
ILE HD11 H N N 157 
ILE HD12 H N N 158 
ILE HD13 H N N 159 
ILE HXT  H N N 160 
LEU N    N N N 161 
LEU CA   C N S 162 
LEU C    C N N 163 
LEU O    O N N 164 
LEU CB   C N N 165 
LEU CG   C N N 166 
LEU CD1  C N N 167 
LEU CD2  C N N 168 
LEU OXT  O N N 169 
LEU H    H N N 170 
LEU H2   H N N 171 
LEU HA   H N N 172 
LEU HB2  H N N 173 
LEU HB3  H N N 174 
LEU HG   H N N 175 
LEU HD11 H N N 176 
LEU HD12 H N N 177 
LEU HD13 H N N 178 
LEU HD21 H N N 179 
LEU HD22 H N N 180 
LEU HD23 H N N 181 
LEU HXT  H N N 182 
LYS N    N N N 183 
LYS CA   C N S 184 
LYS C    C N N 185 
LYS O    O N N 186 
LYS CB   C N N 187 
LYS CG   C N N 188 
LYS CD   C N N 189 
LYS CE   C N N 190 
LYS NZ   N N N 191 
LYS OXT  O N N 192 
LYS H    H N N 193 
LYS H2   H N N 194 
LYS HA   H N N 195 
LYS HB2  H N N 196 
LYS HB3  H N N 197 
LYS HG2  H N N 198 
LYS HG3  H N N 199 
LYS HD2  H N N 200 
LYS HD3  H N N 201 
LYS HE2  H N N 202 
LYS HE3  H N N 203 
LYS HZ1  H N N 204 
LYS HZ2  H N N 205 
LYS HZ3  H N N 206 
LYS HXT  H N N 207 
PHE N    N N N 208 
PHE CA   C N S 209 
PHE C    C N N 210 
PHE O    O N N 211 
PHE CB   C N N 212 
PHE CG   C Y N 213 
PHE CD1  C Y N 214 
PHE CD2  C Y N 215 
PHE CE1  C Y N 216 
PHE CE2  C Y N 217 
PHE CZ   C Y N 218 
PHE OXT  O N N 219 
PHE H    H N N 220 
PHE H2   H N N 221 
PHE HA   H N N 222 
PHE HB2  H N N 223 
PHE HB3  H N N 224 
PHE HD1  H N N 225 
PHE HD2  H N N 226 
PHE HE1  H N N 227 
PHE HE2  H N N 228 
PHE HZ   H N N 229 
PHE HXT  H N N 230 
PRO N    N N N 231 
PRO CA   C N S 232 
PRO C    C N N 233 
PRO O    O N N 234 
PRO CB   C N N 235 
PRO CG   C N N 236 
PRO CD   C N N 237 
PRO OXT  O N N 238 
PRO H    H N N 239 
PRO HA   H N N 240 
PRO HB2  H N N 241 
PRO HB3  H N N 242 
PRO HG2  H N N 243 
PRO HG3  H N N 244 
PRO HD2  H N N 245 
PRO HD3  H N N 246 
PRO HXT  H N N 247 
SER N    N N N 248 
SER CA   C N S 249 
SER C    C N N 250 
SER O    O N N 251 
SER CB   C N N 252 
SER OG   O N N 253 
SER OXT  O N N 254 
SER H    H N N 255 
SER H2   H N N 256 
SER HA   H N N 257 
SER HB2  H N N 258 
SER HB3  H N N 259 
SER HG   H N N 260 
SER HXT  H N N 261 
THR N    N N N 262 
THR CA   C N S 263 
THR C    C N N 264 
THR O    O N N 265 
THR CB   C N R 266 
THR OG1  O N N 267 
THR CG2  C N N 268 
THR OXT  O N N 269 
THR H    H N N 270 
THR H2   H N N 271 
THR HA   H N N 272 
THR HB   H N N 273 
THR HG1  H N N 274 
THR HG21 H N N 275 
THR HG22 H N N 276 
THR HG23 H N N 277 
THR HXT  H N N 278 
TYR N    N N N 279 
TYR CA   C N S 280 
TYR C    C N N 281 
TYR O    O N N 282 
TYR CB   C N N 283 
TYR CG   C Y N 284 
TYR CD1  C Y N 285 
TYR CD2  C Y N 286 
TYR CE1  C Y N 287 
TYR CE2  C Y N 288 
TYR CZ   C Y N 289 
TYR OH   O N N 290 
TYR OXT  O N N 291 
TYR H    H N N 292 
TYR H2   H N N 293 
TYR HA   H N N 294 
TYR HB2  H N N 295 
TYR HB3  H N N 296 
TYR HD1  H N N 297 
TYR HD2  H N N 298 
TYR HE1  H N N 299 
TYR HE2  H N N 300 
TYR HH   H N N 301 
TYR HXT  H N N 302 
VAL N    N N N 303 
VAL CA   C N S 304 
VAL C    C N N 305 
VAL O    O N N 306 
VAL CB   C N N 307 
VAL CG1  C N N 308 
VAL CG2  C N N 309 
VAL OXT  O N N 310 
VAL H    H N N 311 
VAL H2   H N N 312 
VAL HA   H N N 313 
VAL HB   H N N 314 
VAL HG11 H N N 315 
VAL HG12 H N N 316 
VAL HG13 H N N 317 
VAL HG21 H N N 318 
VAL HG22 H N N 319 
VAL HG23 H N N 320 
VAL HXT  H N N 321 
# 
loop_
_chem_comp_bond.comp_id 
_chem_comp_bond.atom_id_1 
_chem_comp_bond.atom_id_2 
_chem_comp_bond.value_order 
_chem_comp_bond.pdbx_aromatic_flag 
_chem_comp_bond.pdbx_stereo_config 
_chem_comp_bond.pdbx_ordinal 
ALA N   CA   sing N N 1   
ALA N   H    sing N N 2   
ALA N   H2   sing N N 3   
ALA CA  C    sing N N 4   
ALA CA  CB   sing N N 5   
ALA CA  HA   sing N N 6   
ALA C   O    doub N N 7   
ALA C   OXT  sing N N 8   
ALA CB  HB1  sing N N 9   
ALA CB  HB2  sing N N 10  
ALA CB  HB3  sing N N 11  
ALA OXT HXT  sing N N 12  
ARG N   CA   sing N N 13  
ARG N   H    sing N N 14  
ARG N   H2   sing N N 15  
ARG CA  C    sing N N 16  
ARG CA  CB   sing N N 17  
ARG CA  HA   sing N N 18  
ARG C   O    doub N N 19  
ARG C   OXT  sing N N 20  
ARG CB  CG   sing N N 21  
ARG CB  HB2  sing N N 22  
ARG CB  HB3  sing N N 23  
ARG CG  CD   sing N N 24  
ARG CG  HG2  sing N N 25  
ARG CG  HG3  sing N N 26  
ARG CD  NE   sing N N 27  
ARG CD  HD2  sing N N 28  
ARG CD  HD3  sing N N 29  
ARG NE  CZ   sing N N 30  
ARG NE  HE   sing N N 31  
ARG CZ  NH1  sing N N 32  
ARG CZ  NH2  doub N N 33  
ARG NH1 HH11 sing N N 34  
ARG NH1 HH12 sing N N 35  
ARG NH2 HH21 sing N N 36  
ARG NH2 HH22 sing N N 37  
ARG OXT HXT  sing N N 38  
ASN N   CA   sing N N 39  
ASN N   H    sing N N 40  
ASN N   H2   sing N N 41  
ASN CA  C    sing N N 42  
ASN CA  CB   sing N N 43  
ASN CA  HA   sing N N 44  
ASN C   O    doub N N 45  
ASN C   OXT  sing N N 46  
ASN CB  CG   sing N N 47  
ASN CB  HB2  sing N N 48  
ASN CB  HB3  sing N N 49  
ASN CG  OD1  doub N N 50  
ASN CG  ND2  sing N N 51  
ASN ND2 HD21 sing N N 52  
ASN ND2 HD22 sing N N 53  
ASN OXT HXT  sing N N 54  
ASP N   CA   sing N N 55  
ASP N   H    sing N N 56  
ASP N   H2   sing N N 57  
ASP CA  C    sing N N 58  
ASP CA  CB   sing N N 59  
ASP CA  HA   sing N N 60  
ASP C   O    doub N N 61  
ASP C   OXT  sing N N 62  
ASP CB  CG   sing N N 63  
ASP CB  HB2  sing N N 64  
ASP CB  HB3  sing N N 65  
ASP CG  OD1  doub N N 66  
ASP CG  OD2  sing N N 67  
ASP OD2 HD2  sing N N 68  
ASP OXT HXT  sing N N 69  
CYS N   CA   sing N N 70  
CYS N   H    sing N N 71  
CYS N   H2   sing N N 72  
CYS CA  C    sing N N 73  
CYS CA  CB   sing N N 74  
CYS CA  HA   sing N N 75  
CYS C   O    doub N N 76  
CYS C   OXT  sing N N 77  
CYS CB  SG   sing N N 78  
CYS CB  HB2  sing N N 79  
CYS CB  HB3  sing N N 80  
CYS SG  HG   sing N N 81  
CYS OXT HXT  sing N N 82  
GLN N   CA   sing N N 83  
GLN N   H    sing N N 84  
GLN N   H2   sing N N 85  
GLN CA  C    sing N N 86  
GLN CA  CB   sing N N 87  
GLN CA  HA   sing N N 88  
GLN C   O    doub N N 89  
GLN C   OXT  sing N N 90  
GLN CB  CG   sing N N 91  
GLN CB  HB2  sing N N 92  
GLN CB  HB3  sing N N 93  
GLN CG  CD   sing N N 94  
GLN CG  HG2  sing N N 95  
GLN CG  HG3  sing N N 96  
GLN CD  OE1  doub N N 97  
GLN CD  NE2  sing N N 98  
GLN NE2 HE21 sing N N 99  
GLN NE2 HE22 sing N N 100 
GLN OXT HXT  sing N N 101 
GLY N   CA   sing N N 102 
GLY N   H    sing N N 103 
GLY N   H2   sing N N 104 
GLY CA  C    sing N N 105 
GLY CA  HA2  sing N N 106 
GLY CA  HA3  sing N N 107 
GLY C   O    doub N N 108 
GLY C   OXT  sing N N 109 
GLY OXT HXT  sing N N 110 
HIS N   CA   sing N N 111 
HIS N   H    sing N N 112 
HIS N   H2   sing N N 113 
HIS CA  C    sing N N 114 
HIS CA  CB   sing N N 115 
HIS CA  HA   sing N N 116 
HIS C   O    doub N N 117 
HIS C   OXT  sing N N 118 
HIS CB  CG   sing N N 119 
HIS CB  HB2  sing N N 120 
HIS CB  HB3  sing N N 121 
HIS CG  ND1  sing Y N 122 
HIS CG  CD2  doub Y N 123 
HIS ND1 CE1  doub Y N 124 
HIS ND1 HD1  sing N N 125 
HIS CD2 NE2  sing Y N 126 
HIS CD2 HD2  sing N N 127 
HIS CE1 NE2  sing Y N 128 
HIS CE1 HE1  sing N N 129 
HIS NE2 HE2  sing N N 130 
HIS OXT HXT  sing N N 131 
ILE N   CA   sing N N 132 
ILE N   H    sing N N 133 
ILE N   H2   sing N N 134 
ILE CA  C    sing N N 135 
ILE CA  CB   sing N N 136 
ILE CA  HA   sing N N 137 
ILE C   O    doub N N 138 
ILE C   OXT  sing N N 139 
ILE CB  CG1  sing N N 140 
ILE CB  CG2  sing N N 141 
ILE CB  HB   sing N N 142 
ILE CG1 CD1  sing N N 143 
ILE CG1 HG12 sing N N 144 
ILE CG1 HG13 sing N N 145 
ILE CG2 HG21 sing N N 146 
ILE CG2 HG22 sing N N 147 
ILE CG2 HG23 sing N N 148 
ILE CD1 HD11 sing N N 149 
ILE CD1 HD12 sing N N 150 
ILE CD1 HD13 sing N N 151 
ILE OXT HXT  sing N N 152 
LEU N   CA   sing N N 153 
LEU N   H    sing N N 154 
LEU N   H2   sing N N 155 
LEU CA  C    sing N N 156 
LEU CA  CB   sing N N 157 
LEU CA  HA   sing N N 158 
LEU C   O    doub N N 159 
LEU C   OXT  sing N N 160 
LEU CB  CG   sing N N 161 
LEU CB  HB2  sing N N 162 
LEU CB  HB3  sing N N 163 
LEU CG  CD1  sing N N 164 
LEU CG  CD2  sing N N 165 
LEU CG  HG   sing N N 166 
LEU CD1 HD11 sing N N 167 
LEU CD1 HD12 sing N N 168 
LEU CD1 HD13 sing N N 169 
LEU CD2 HD21 sing N N 170 
LEU CD2 HD22 sing N N 171 
LEU CD2 HD23 sing N N 172 
LEU OXT HXT  sing N N 173 
LYS N   CA   sing N N 174 
LYS N   H    sing N N 175 
LYS N   H2   sing N N 176 
LYS CA  C    sing N N 177 
LYS CA  CB   sing N N 178 
LYS CA  HA   sing N N 179 
LYS C   O    doub N N 180 
LYS C   OXT  sing N N 181 
LYS CB  CG   sing N N 182 
LYS CB  HB2  sing N N 183 
LYS CB  HB3  sing N N 184 
LYS CG  CD   sing N N 185 
LYS CG  HG2  sing N N 186 
LYS CG  HG3  sing N N 187 
LYS CD  CE   sing N N 188 
LYS CD  HD2  sing N N 189 
LYS CD  HD3  sing N N 190 
LYS CE  NZ   sing N N 191 
LYS CE  HE2  sing N N 192 
LYS CE  HE3  sing N N 193 
LYS NZ  HZ1  sing N N 194 
LYS NZ  HZ2  sing N N 195 
LYS NZ  HZ3  sing N N 196 
LYS OXT HXT  sing N N 197 
PHE N   CA   sing N N 198 
PHE N   H    sing N N 199 
PHE N   H2   sing N N 200 
PHE CA  C    sing N N 201 
PHE CA  CB   sing N N 202 
PHE CA  HA   sing N N 203 
PHE C   O    doub N N 204 
PHE C   OXT  sing N N 205 
PHE CB  CG   sing N N 206 
PHE CB  HB2  sing N N 207 
PHE CB  HB3  sing N N 208 
PHE CG  CD1  doub Y N 209 
PHE CG  CD2  sing Y N 210 
PHE CD1 CE1  sing Y N 211 
PHE CD1 HD1  sing N N 212 
PHE CD2 CE2  doub Y N 213 
PHE CD2 HD2  sing N N 214 
PHE CE1 CZ   doub Y N 215 
PHE CE1 HE1  sing N N 216 
PHE CE2 CZ   sing Y N 217 
PHE CE2 HE2  sing N N 218 
PHE CZ  HZ   sing N N 219 
PHE OXT HXT  sing N N 220 
PRO N   CA   sing N N 221 
PRO N   CD   sing N N 222 
PRO N   H    sing N N 223 
PRO CA  C    sing N N 224 
PRO CA  CB   sing N N 225 
PRO CA  HA   sing N N 226 
PRO C   O    doub N N 227 
PRO C   OXT  sing N N 228 
PRO CB  CG   sing N N 229 
PRO CB  HB2  sing N N 230 
PRO CB  HB3  sing N N 231 
PRO CG  CD   sing N N 232 
PRO CG  HG2  sing N N 233 
PRO CG  HG3  sing N N 234 
PRO CD  HD2  sing N N 235 
PRO CD  HD3  sing N N 236 
PRO OXT HXT  sing N N 237 
SER N   CA   sing N N 238 
SER N   H    sing N N 239 
SER N   H2   sing N N 240 
SER CA  C    sing N N 241 
SER CA  CB   sing N N 242 
SER CA  HA   sing N N 243 
SER C   O    doub N N 244 
SER C   OXT  sing N N 245 
SER CB  OG   sing N N 246 
SER CB  HB2  sing N N 247 
SER CB  HB3  sing N N 248 
SER OG  HG   sing N N 249 
SER OXT HXT  sing N N 250 
THR N   CA   sing N N 251 
THR N   H    sing N N 252 
THR N   H2   sing N N 253 
THR CA  C    sing N N 254 
THR CA  CB   sing N N 255 
THR CA  HA   sing N N 256 
THR C   O    doub N N 257 
THR C   OXT  sing N N 258 
THR CB  OG1  sing N N 259 
THR CB  CG2  sing N N 260 
THR CB  HB   sing N N 261 
THR OG1 HG1  sing N N 262 
THR CG2 HG21 sing N N 263 
THR CG2 HG22 sing N N 264 
THR CG2 HG23 sing N N 265 
THR OXT HXT  sing N N 266 
TYR N   CA   sing N N 267 
TYR N   H    sing N N 268 
TYR N   H2   sing N N 269 
TYR CA  C    sing N N 270 
TYR CA  CB   sing N N 271 
TYR CA  HA   sing N N 272 
TYR C   O    doub N N 273 
TYR C   OXT  sing N N 274 
TYR CB  CG   sing N N 275 
TYR CB  HB2  sing N N 276 
TYR CB  HB3  sing N N 277 
TYR CG  CD1  doub Y N 278 
TYR CG  CD2  sing Y N 279 
TYR CD1 CE1  sing Y N 280 
TYR CD1 HD1  sing N N 281 
TYR CD2 CE2  doub Y N 282 
TYR CD2 HD2  sing N N 283 
TYR CE1 CZ   doub Y N 284 
TYR CE1 HE1  sing N N 285 
TYR CE2 CZ   sing Y N 286 
TYR CE2 HE2  sing N N 287 
TYR CZ  OH   sing N N 288 
TYR OH  HH   sing N N 289 
TYR OXT HXT  sing N N 290 
VAL N   CA   sing N N 291 
VAL N   H    sing N N 292 
VAL N   H2   sing N N 293 
VAL CA  C    sing N N 294 
VAL CA  CB   sing N N 295 
VAL CA  HA   sing N N 296 
VAL C   O    doub N N 297 
VAL C   OXT  sing N N 298 
VAL CB  CG1  sing N N 299 
VAL CB  CG2  sing N N 300 
VAL CB  HB   sing N N 301 
VAL CG1 HG11 sing N N 302 
VAL CG1 HG12 sing N N 303 
VAL CG1 HG13 sing N N 304 
VAL CG2 HG21 sing N N 305 
VAL CG2 HG22 sing N N 306 
VAL CG2 HG23 sing N N 307 
VAL OXT HXT  sing N N 308 
# 
_pdbx_nmr_spectrometer.spectrometer_id   1 
_pdbx_nmr_spectrometer.type              ? 
_pdbx_nmr_spectrometer.manufacturer      Bruker 
_pdbx_nmr_spectrometer.model             AVANCE 
_pdbx_nmr_spectrometer.field_strength    600 
# 
_atom_sites.entry_id                    1L6H 
_atom_sites.fract_transf_matrix[1][1]   1.000000 
_atom_sites.fract_transf_matrix[1][2]   0.000000 
_atom_sites.fract_transf_matrix[1][3]   0.000000 
_atom_sites.fract_transf_matrix[2][1]   0.000000 
_atom_sites.fract_transf_matrix[2][2]   1.000000 
_atom_sites.fract_transf_matrix[2][3]   0.000000 
_atom_sites.fract_transf_matrix[3][1]   0.000000 
_atom_sites.fract_transf_matrix[3][2]   0.000000 
_atom_sites.fract_transf_matrix[3][3]   1.000000 
_atom_sites.fract_transf_vector[1]      0.00000 
_atom_sites.fract_transf_vector[2]      0.00000 
_atom_sites.fract_transf_vector[3]      0.00000 
# 
loop_
_atom_type.symbol 
C 
H 
N 
O 
S 
# 
loop_
_atom_site.group_PDB 
_atom_site.id 
_atom_site.type_symbol 
_atom_site.label_atom_id 
_atom_site.label_alt_id 
_atom_site.label_comp_id 
_atom_site.label_asym_id 
_atom_site.label_entity_id 
_atom_site.label_seq_id 
_atom_site.pdbx_PDB_ins_code 
_atom_site.Cartn_x 
_atom_site.Cartn_y 
_atom_site.Cartn_z 
_atom_site.occupancy 
_atom_site.B_iso_or_equiv 
_atom_site.pdbx_formal_charge 
_atom_site.auth_seq_id 
_atom_site.auth_comp_id 
_atom_site.auth_asym_id 
_atom_site.auth_atom_id 
_atom_site.pdbx_PDB_model_num 
ATOM 1   N N    . ALA A 1 1  ? 8.389   -3.021  -10.620 1.00 0.00 ? 1  ALA A N    1 
ATOM 2   C CA   . ALA A 1 1  ? 7.496   -2.063  -10.018 1.00 0.00 ? 1  ALA A CA   1 
ATOM 3   C C    . ALA A 1 1  ? 7.283   -2.708  -8.680  1.00 0.00 ? 1  ALA A C    1 
ATOM 4   O O    . ALA A 1 1  ? 7.163   -3.871  -8.644  1.00 0.00 ? 1  ALA A O    1 
ATOM 5   C CB   . ALA A 1 1  ? 6.084   -1.983  -10.605 1.00 0.00 ? 1  ALA A CB   1 
ATOM 6   H H1   . ALA A 1 1  ? 8.535   -2.882  -11.641 1.00 0.00 ? 1  ALA A H1   1 
ATOM 7   H H2   . ALA A 1 1  ? 7.981   -3.940  -10.350 1.00 0.00 ? 1  ALA A H2   1 
ATOM 8   H H3   . ALA A 1 1  ? 9.267   -2.935  -10.071 1.00 0.00 ? 1  ALA A H3   1 
ATOM 9   H HA   . ALA A 1 1  ? 8.009   -1.120  -9.957  1.00 0.00 ? 1  ALA A HA   1 
ATOM 10  H HB1  . ALA A 1 1  ? 5.436   -1.411  -9.931  1.00 0.00 ? 1  ALA A HB1  1 
ATOM 11  H HB2  . ALA A 1 1  ? 5.614   -2.962  -10.678 1.00 0.00 ? 1  ALA A HB2  1 
ATOM 12  H HB3  . ALA A 1 1  ? 6.056   -1.499  -11.579 1.00 0.00 ? 1  ALA A HB3  1 
ATOM 13  N N    . GLY A 1 2  ? 7.260   -1.761  -7.698  1.00 0.00 ? 2  GLY A N    1 
ATOM 14  C CA   . GLY A 1 2  ? 6.765   -1.927  -6.358  1.00 0.00 ? 2  GLY A CA   1 
ATOM 15  C C    . GLY A 1 2  ? 7.181   -3.241  -5.768  1.00 0.00 ? 2  GLY A C    1 
ATOM 16  O O    . GLY A 1 2  ? 8.107   -3.875  -6.193  1.00 0.00 ? 2  GLY A O    1 
ATOM 17  H H    . GLY A 1 2  ? 7.404   -0.809  -7.849  1.00 0.00 ? 2  GLY A H    1 
ATOM 18  H HA2  . GLY A 1 2  ? 7.188   -1.137  -5.759  1.00 0.00 ? 2  GLY A HA2  1 
ATOM 19  H HA3  . GLY A 1 2  ? 5.689   -1.790  -6.408  1.00 0.00 ? 2  GLY A HA3  1 
ATOM 20  N N    . CYS A 1 3  ? 6.298   -3.592  -4.826  1.00 0.00 ? 3  CYS A N    1 
ATOM 21  C CA   . CYS A 1 3  ? 6.357   -4.936  -4.309  1.00 0.00 ? 3  CYS A CA   1 
ATOM 22  C C    . CYS A 1 3  ? 5.043   -5.212  -3.590  1.00 0.00 ? 3  CYS A C    1 
ATOM 23  O O    . CYS A 1 3  ? 4.977   -5.892  -2.590  1.00 0.00 ? 3  CYS A O    1 
ATOM 24  C CB   . CYS A 1 3  ? 7.524   -4.994  -3.343  1.00 0.00 ? 3  CYS A CB   1 
ATOM 25  S SG   . CYS A 1 3  ? 7.257   -3.773  -2.042  1.00 0.00 ? 3  CYS A SG   1 
ATOM 26  H H    . CYS A 1 3  ? 5.778   -2.875  -4.367  1.00 0.00 ? 3  CYS A H    1 
ATOM 27  H HA   . CYS A 1 3  ? 6.462   -5.633  -5.140  1.00 0.00 ? 3  CYS A HA   1 
ATOM 28  H HB2  . CYS A 1 3  ? 7.624   -5.982  -2.898  1.00 0.00 ? 3  CYS A HB2  1 
ATOM 29  H HB3  . CYS A 1 3  ? 8.458   -4.776  -3.865  1.00 0.00 ? 3  CYS A HB3  1 
ATOM 30  N N    . ASN A 1 4  ? 3.995   -4.632  -4.186  1.00 0.00 ? 4  ASN A N    1 
ATOM 31  C CA   . ASN A 1 4  ? 2.693   -4.617  -3.524  1.00 0.00 ? 4  ASN A CA   1 
ATOM 32  C C    . ASN A 1 4  ? 1.774   -5.630  -4.086  1.00 0.00 ? 4  ASN A C    1 
ATOM 33  O O    . ASN A 1 4  ? 1.029   -6.294  -3.396  1.00 0.00 ? 4  ASN A O    1 
ATOM 34  C CB   . ASN A 1 4  ? 2.111   -3.202  -3.669  1.00 0.00 ? 4  ASN A CB   1 
ATOM 35  C CG   . ASN A 1 4  ? 2.720   -2.348  -2.582  1.00 0.00 ? 4  ASN A CG   1 
ATOM 36  O OD1  . ASN A 1 4  ? 2.703   -1.153  -2.564  1.00 0.00 ? 4  ASN A OD1  1 
ATOM 37  N ND2  . ASN A 1 4  ? 3.338   -2.991  -1.650  1.00 0.00 ? 4  ASN A ND2  1 
ATOM 38  H H    . ASN A 1 4  ? 4.108   -3.984  -4.934  1.00 0.00 ? 4  ASN A H    1 
ATOM 39  H HA   . ASN A 1 4  ? 2.792   -5.002  -2.509  1.00 0.00 ? 4  ASN A HA   1 
ATOM 40  H HB2  . ASN A 1 4  ? 2.332   -2.767  -4.642  1.00 0.00 ? 4  ASN A HB2  1 
ATOM 41  H HB3  . ASN A 1 4  ? 1.031   -3.142  -3.563  1.00 0.00 ? 4  ASN A HB3  1 
ATOM 42  H HD21 . ASN A 1 4  ? 3.341   -3.896  -1.233  1.00 0.00 ? 4  ASN A HD21 1 
ATOM 43  H HD22 . ASN A 1 4  ? 3.777   -2.230  -1.191  1.00 0.00 ? 4  ASN A HD22 1 
ATOM 44  N N    . ALA A 1 5  ? 1.947   -5.789  -5.390  1.00 0.00 ? 5  ALA A N    1 
ATOM 45  C CA   . ALA A 1 5  ? 1.138   -6.816  -6.023  1.00 0.00 ? 5  ALA A CA   1 
ATOM 46  C C    . ALA A 1 5  ? 1.342   -8.237  -5.414  1.00 0.00 ? 5  ALA A C    1 
ATOM 47  O O    . ALA A 1 5  ? 0.621   -9.172  -5.726  1.00 0.00 ? 5  ALA A O    1 
ATOM 48  C CB   . ALA A 1 5  ? 1.506   -6.824  -7.502  1.00 0.00 ? 5  ALA A CB   1 
ATOM 49  H H    . ALA A 1 5  ? 2.457   -5.107  -5.907  1.00 0.00 ? 5  ALA A H    1 
ATOM 50  H HA   . ALA A 1 5  ? 0.099   -6.505  -5.879  1.00 0.00 ? 5  ALA A HA   1 
ATOM 51  H HB1  . ALA A 1 5  ? 0.871   -7.531  -8.034  1.00 0.00 ? 5  ALA A HB1  1 
ATOM 52  H HB2  . ALA A 1 5  ? 2.548   -7.117  -7.632  1.00 0.00 ? 5  ALA A HB2  1 
ATOM 53  H HB3  . ALA A 1 5  ? 1.363   -5.835  -7.935  1.00 0.00 ? 5  ALA A HB3  1 
ATOM 54  N N    . GLY A 1 6  ? 2.409   -8.350  -4.585  1.00 0.00 ? 6  GLY A N    1 
ATOM 55  C CA   . GLY A 1 6  ? 2.626   -9.523  -3.758  1.00 0.00 ? 6  GLY A CA   1 
ATOM 56  C C    . GLY A 1 6  ? 2.184   -9.265  -2.307  1.00 0.00 ? 6  GLY A C    1 
ATOM 57  O O    . GLY A 1 6  ? 1.397   -10.019 -1.770  1.00 0.00 ? 6  GLY A O    1 
ATOM 58  H H    . GLY A 1 6  ? 2.948   -7.546  -4.366  1.00 0.00 ? 6  GLY A H    1 
ATOM 59  H HA2  . GLY A 1 6  ? 2.058   -10.362 -4.165  1.00 0.00 ? 6  GLY A HA2  1 
ATOM 60  H HA3  . GLY A 1 6  ? 3.687   -9.763  -3.802  1.00 0.00 ? 6  GLY A HA3  1 
ATOM 61  N N    . GLN A 1 7  ? 2.729   -8.208  -1.676  1.00 0.00 ? 7  GLN A N    1 
ATOM 62  C CA   . GLN A 1 7  ? 2.441   -8.060  -0.249  1.00 0.00 ? 7  GLN A CA   1 
ATOM 63  C C    . GLN A 1 7  ? 1.043   -7.438  -0.115  1.00 0.00 ? 7  GLN A C    1 
ATOM 64  O O    . GLN A 1 7  ? 0.113   -8.030  0.424   1.00 0.00 ? 7  GLN A O    1 
ATOM 65  C CB   . GLN A 1 7  ? 3.574   -7.275  0.454   1.00 0.00 ? 7  GLN A CB   1 
ATOM 66  C CG   . GLN A 1 7  ? 3.850   -7.770  1.894   1.00 0.00 ? 7  GLN A CG   1 
ATOM 67  C CD   . GLN A 1 7  ? 2.664   -7.483  2.809   1.00 0.00 ? 7  GLN A CD   1 
ATOM 68  O OE1  . GLN A 1 7  ? 1.706   -6.874  2.393   1.00 0.00 ? 7  GLN A OE1  1 
ATOM 69  N NE2  . GLN A 1 7  ? 2.718   -7.925  4.063   1.00 0.00 ? 7  GLN A NE2  1 
ATOM 70  H H    . GLN A 1 7  ? 3.306   -7.544  -2.141  1.00 0.00 ? 7  GLN A H    1 
ATOM 71  H HA   . GLN A 1 7  ? 2.396   -9.062  0.187   1.00 0.00 ? 7  GLN A HA   1 
ATOM 72  H HB2  . GLN A 1 7  ? 4.495   -7.414  -0.113  1.00 0.00 ? 7  GLN A HB2  1 
ATOM 73  H HB3  . GLN A 1 7  ? 3.390   -6.199  0.445   1.00 0.00 ? 7  GLN A HB3  1 
ATOM 74  H HG2  . GLN A 1 7  ? 4.030   -8.845  1.891   1.00 0.00 ? 7  GLN A HG2  1 
ATOM 75  H HG3  . GLN A 1 7  ? 4.734   -7.289  2.312   1.00 0.00 ? 7  GLN A HG3  1 
ATOM 76  H HE21 . GLN A 1 7  ? 3.478   -8.465  4.419   1.00 0.00 ? 7  GLN A HE21 1 
ATOM 77  H HE22 . GLN A 1 7  ? 1.906   -7.638  4.573   1.00 0.00 ? 7  GLN A HE22 1 
ATOM 78  N N    . LEU A 1 8  ? 0.975   -6.248  -0.715  1.00 0.00 ? 8  LEU A N    1 
ATOM 79  C CA   . LEU A 1 8  ? -0.193  -5.406  -0.605  1.00 0.00 ? 8  LEU A CA   1 
ATOM 80  C C    . LEU A 1 8  ? -1.496  -6.144  -0.879  1.00 0.00 ? 8  LEU A C    1 
ATOM 81  O O    . LEU A 1 8  ? -2.492  -5.853  -0.257  1.00 0.00 ? 8  LEU A O    1 
ATOM 82  C CB   . LEU A 1 8  ? -0.060  -4.234  -1.564  1.00 0.00 ? 8  LEU A CB   1 
ATOM 83  C CG   . LEU A 1 8  ? -1.043  -3.089  -1.416  1.00 0.00 ? 8  LEU A CG   1 
ATOM 84  C CD1  . LEU A 1 8  ? -2.455  -3.419  -1.905  1.00 0.00 ? 8  LEU A CD1  1 
ATOM 85  C CD2  . LEU A 1 8  ? -1.048  -2.544  0.019   1.00 0.00 ? 8  LEU A CD2  1 
ATOM 86  H H    . LEU A 1 8  ? 1.784   -5.915  -1.184  1.00 0.00 ? 8  LEU A H    1 
ATOM 87  H HA   . LEU A 1 8  ? -0.169  -5.072  0.426   1.00 0.00 ? 8  LEU A HA   1 
ATOM 88  H HB2  . LEU A 1 8  ? 0.929   -3.823  -1.416  1.00 0.00 ? 8  LEU A HB2  1 
ATOM 89  H HB3  . LEU A 1 8  ? -0.163  -4.580  -2.587  1.00 0.00 ? 8  LEU A HB3  1 
ATOM 90  H HG   . LEU A 1 8  ? -0.657  -2.336  -2.101  1.00 0.00 ? 8  LEU A HG   1 
ATOM 91  H HD11 . LEU A 1 8  ? -3.072  -2.536  -2.054  1.00 0.00 ? 8  LEU A HD11 1 
ATOM 92  H HD12 . LEU A 1 8  ? -2.964  -3.957  -1.133  1.00 0.00 ? 8  LEU A HD12 1 
ATOM 93  H HD13 . LEU A 1 8  ? -2.492  -4.021  -2.810  1.00 0.00 ? 8  LEU A HD13 1 
ATOM 94  H HD21 . LEU A 1 8  ? -1.817  -1.801  0.220   1.00 0.00 ? 8  LEU A HD21 1 
ATOM 95  H HD22 . LEU A 1 8  ? -0.083  -2.122  0.306   1.00 0.00 ? 8  LEU A HD22 1 
ATOM 96  H HD23 . LEU A 1 8  ? -1.293  -3.336  0.697   1.00 0.00 ? 8  LEU A HD23 1 
ATOM 97  N N    . THR A 1 9  ? -1.501  -7.106  -1.803  1.00 0.00 ? 9  THR A N    1 
ATOM 98  C CA   . THR A 1 9  ? -2.747  -7.846  -2.061  1.00 0.00 ? 9  THR A CA   1 
ATOM 99  C C    . THR A 1 9  ? -3.648  -8.135  -0.815  1.00 0.00 ? 9  THR A C    1 
ATOM 100 O O    . THR A 1 9  ? -4.873  -8.150  -0.902  1.00 0.00 ? 9  THR A O    1 
ATOM 101 C CB   . THR A 1 9  ? -2.360  -9.167  -2.727  1.00 0.00 ? 9  THR A CB   1 
ATOM 102 O OG1  . THR A 1 9  ? -1.854  -8.846  -4.004  1.00 0.00 ? 9  THR A OG1  1 
ATOM 103 C CG2  . THR A 1 9  ? -3.539  -10.154 -2.840  1.00 0.00 ? 9  THR A CG2  1 
ATOM 104 H H    . THR A 1 9  ? -0.695  -7.214  -2.383  1.00 0.00 ? 9  THR A H    1 
ATOM 105 H HA   . THR A 1 9  ? -3.317  -7.227  -2.753  1.00 0.00 ? 9  THR A HA   1 
ATOM 106 H HB   . THR A 1 9  ? -1.555  -9.630  -2.150  1.00 0.00 ? 9  THR A HB   1 
ATOM 107 H HG1  . THR A 1 9  ? -1.418  -9.617  -4.350  1.00 0.00 ? 9  THR A HG1  1 
ATOM 108 H HG21 . THR A 1 9  ? -3.254  -11.077 -3.337  1.00 0.00 ? 9  THR A HG21 1 
ATOM 109 H HG22 . THR A 1 9  ? -4.372  -9.697  -3.376  1.00 0.00 ? 9  THR A HG22 1 
ATOM 110 H HG23 . THR A 1 9  ? -3.914  -10.436 -1.853  1.00 0.00 ? 9  THR A HG23 1 
ATOM 111 N N    . VAL A 1 10 ? -2.958  -8.434  0.305   1.00 0.00 ? 10 VAL A N    1 
ATOM 112 C CA   . VAL A 1 10 ? -3.652  -8.520  1.585   1.00 0.00 ? 10 VAL A CA   1 
ATOM 113 C C    . VAL A 1 10 ? -3.932  -7.105  2.137   1.00 0.00 ? 10 VAL A C    1 
ATOM 114 O O    . VAL A 1 10 ? -5.054  -6.760  2.506   1.00 0.00 ? 10 VAL A O    1 
ATOM 115 C CB   . VAL A 1 10 ? -2.802  -9.367  2.546   1.00 0.00 ? 10 VAL A CB   1 
ATOM 116 C CG1  . VAL A 1 10 ? -3.335  -9.318  3.986   1.00 0.00 ? 10 VAL A CG1  1 
ATOM 117 C CG2  . VAL A 1 10 ? -2.739  -10.817 2.049   1.00 0.00 ? 10 VAL A CG2  1 
ATOM 118 H H    . VAL A 1 10 ? -1.956  -8.374  0.295   1.00 0.00 ? 10 VAL A H    1 
ATOM 119 H HA   . VAL A 1 10 ? -4.614  -9.006  1.411   1.00 0.00 ? 10 VAL A HA   1 
ATOM 120 H HB   . VAL A 1 10 ? -1.788  -8.963  2.552   1.00 0.00 ? 10 VAL A HB   1 
ATOM 121 H HG11 . VAL A 1 10 ? -2.745  -9.952  4.647   1.00 0.00 ? 10 VAL A HG11 1 
ATOM 122 H HG12 . VAL A 1 10 ? -4.373  -9.650  4.025   1.00 0.00 ? 10 VAL A HG12 1 
ATOM 123 H HG13 . VAL A 1 10 ? -3.296  -8.307  4.392   1.00 0.00 ? 10 VAL A HG13 1 
ATOM 124 H HG21 . VAL A 1 10 ? -2.132  -11.432 2.713   1.00 0.00 ? 10 VAL A HG21 1 
ATOM 125 H HG22 . VAL A 1 10 ? -2.305  -10.884 1.051   1.00 0.00 ? 10 VAL A HG22 1 
ATOM 126 H HG23 . VAL A 1 10 ? -3.737  -11.255 2.009   1.00 0.00 ? 10 VAL A HG23 1 
ATOM 127 N N    . CYS A 1 11 ? -2.869  -6.284  2.172   1.00 0.00 ? 11 CYS A N    1 
ATOM 128 C CA   . CYS A 1 11 ? -3.049  -4.888  2.553   1.00 0.00 ? 11 CYS A CA   1 
ATOM 129 C C    . CYS A 1 11 ? -3.849  -3.999  1.588   1.00 0.00 ? 11 CYS A C    1 
ATOM 130 O O    . CYS A 1 11 ? -3.924  -2.786  1.750   1.00 0.00 ? 11 CYS A O    1 
ATOM 131 C CB   . CYS A 1 11 ? -1.714  -4.228  2.943   1.00 0.00 ? 11 CYS A CB   1 
ATOM 132 S SG   . CYS A 1 11 ? -0.958  -4.493  4.542   1.00 0.00 ? 11 CYS A SG   1 
ATOM 133 H H    . CYS A 1 11 ? -2.040  -6.617  1.727   1.00 0.00 ? 11 CYS A H    1 
ATOM 134 H HA   . CYS A 1 11 ? -3.781  -4.948  3.323   1.00 0.00 ? 11 CYS A HA   1 
ATOM 135 H HB2  . CYS A 1 11 ? -0.957  -4.548  2.238   1.00 0.00 ? 11 CYS A HB2  1 
ATOM 136 H HB3  . CYS A 1 11 ? -1.796  -3.145  2.855   1.00 0.00 ? 11 CYS A HB3  1 
ATOM 137 N N    . THR A 1 12 ? -4.546  -4.648  0.647   1.00 0.00 ? 12 THR A N    1 
ATOM 138 C CA   . THR A 1 12 ? -5.353  -3.876  -0.262  1.00 0.00 ? 12 THR A CA   1 
ATOM 139 C C    . THR A 1 12 ? -6.450  -3.157  0.462   1.00 0.00 ? 12 THR A C    1 
ATOM 140 O O    . THR A 1 12 ? -6.914  -2.154  -0.031  1.00 0.00 ? 12 THR A O    1 
ATOM 141 C CB   . THR A 1 12 ? -5.909  -4.763  -1.369  1.00 0.00 ? 12 THR A CB   1 
ATOM 142 O OG1  . THR A 1 12 ? -4.816  -5.268  -2.083  1.00 0.00 ? 12 THR A OG1  1 
ATOM 143 C CG2  . THR A 1 12 ? -6.838  -3.998  -2.315  1.00 0.00 ? 12 THR A CG2  1 
ATOM 144 H H    . THR A 1 12 ? -4.347  -5.610  0.464   1.00 0.00 ? 12 THR A H    1 
ATOM 145 H HA   . THR A 1 12 ? -4.734  -3.081  -0.675  1.00 0.00 ? 12 THR A HA   1 
ATOM 146 H HB   . THR A 1 12 ? -6.448  -5.611  -0.939  1.00 0.00 ? 12 THR A HB   1 
ATOM 147 H HG1  . THR A 1 12 ? -5.191  -5.740  -2.819  1.00 0.00 ? 12 THR A HG1  1 
ATOM 148 H HG21 . THR A 1 12 ? -7.170  -4.607  -3.152  1.00 0.00 ? 12 THR A HG21 1 
ATOM 149 H HG22 . THR A 1 12 ? -6.352  -3.102  -2.706  1.00 0.00 ? 12 THR A HG22 1 
ATOM 150 H HG23 . THR A 1 12 ? -7.736  -3.700  -1.778  1.00 0.00 ? 12 THR A HG23 1 
ATOM 151 N N    . GLY A 1 13 ? -6.861  -3.635  1.641   1.00 0.00 ? 13 GLY A N    1 
ATOM 152 C CA   . GLY A 1 13 ? -7.861  -2.825  2.324   1.00 0.00 ? 13 GLY A CA   1 
ATOM 153 C C    . GLY A 1 13 ? -7.420  -1.352  2.436   1.00 0.00 ? 13 GLY A C    1 
ATOM 154 O O    . GLY A 1 13 ? -8.232  -0.455  2.295   1.00 0.00 ? 13 GLY A O    1 
ATOM 155 H H    . GLY A 1 13 ? -6.441  -4.456  2.033   1.00 0.00 ? 13 GLY A H    1 
ATOM 156 H HA2  . GLY A 1 13 ? -8.780  -2.867  1.738   1.00 0.00 ? 13 GLY A HA2  1 
ATOM 157 H HA3  . GLY A 1 13 ? -8.045  -3.273  3.293   1.00 0.00 ? 13 GLY A HA3  1 
ATOM 158 N N    . ALA A 1 14 ? -6.112  -1.146  2.629   1.00 0.00 ? 14 ALA A N    1 
ATOM 159 C CA   . ALA A 1 14 ? -5.628  0.215   2.794   1.00 0.00 ? 14 ALA A CA   1 
ATOM 160 C C    . ALA A 1 14 ? -5.789  1.042   1.516   1.00 0.00 ? 14 ALA A C    1 
ATOM 161 O O    . ALA A 1 14 ? -6.560  1.992   1.444   1.00 0.00 ? 14 ALA A O    1 
ATOM 162 C CB   . ALA A 1 14 ? -4.200  0.139   3.382   1.00 0.00 ? 14 ALA A CB   1 
ATOM 163 H H    . ALA A 1 14 ? -5.452  -1.897  2.704   1.00 0.00 ? 14 ALA A H    1 
ATOM 164 H HA   . ALA A 1 14 ? -6.338  0.681   3.470   1.00 0.00 ? 14 ALA A HA   1 
ATOM 165 H HB1  . ALA A 1 14 ? -3.720  1.107   3.497   1.00 0.00 ? 14 ALA A HB1  1 
ATOM 166 H HB2  . ALA A 1 14 ? -3.537  -0.470  2.770   1.00 0.00 ? 14 ALA A HB2  1 
ATOM 167 H HB3  . ALA A 1 14 ? -4.205  -0.320  4.372   1.00 0.00 ? 14 ALA A HB3  1 
ATOM 168 N N    . ILE A 1 15 ? -5.090  0.541   0.499   1.00 0.00 ? 15 ILE A N    1 
ATOM 169 C CA   . ILE A 1 15 ? -5.083  1.232   -0.780  1.00 0.00 ? 15 ILE A CA   1 
ATOM 170 C C    . ILE A 1 15 ? -6.470  1.159   -1.463  1.00 0.00 ? 15 ILE A C    1 
ATOM 171 O O    . ILE A 1 15 ? -6.767  1.838   -2.446  1.00 0.00 ? 15 ILE A O    1 
ATOM 172 C CB   . ILE A 1 15 ? -3.959  0.584   -1.588  1.00 0.00 ? 15 ILE A CB   1 
ATOM 173 C CG1  . ILE A 1 15 ? -2.611  0.895   -0.902  1.00 0.00 ? 15 ILE A CG1  1 
ATOM 174 C CG2  . ILE A 1 15 ? -3.937  1.020   -3.057  1.00 0.00 ? 15 ILE A CG2  1 
ATOM 175 C CD1  . ILE A 1 15 ? -1.511  0.084   -1.535  1.00 0.00 ? 15 ILE A CD1  1 
ATOM 176 H H    . ILE A 1 15 ? -4.510  -0.269  0.597   1.00 0.00 ? 15 ILE A H    1 
ATOM 177 H HA   . ILE A 1 15 ? -4.833  2.276   -0.586  1.00 0.00 ? 15 ILE A HA   1 
ATOM 178 H HB   . ILE A 1 15 ? -4.116  -0.498  -1.578  1.00 0.00 ? 15 ILE A HB   1 
ATOM 179 H HG12 . ILE A 1 15 ? -2.366  1.955   -0.974  1.00 0.00 ? 15 ILE A HG12 1 
ATOM 180 H HG13 . ILE A 1 15 ? -2.623  0.642   0.157   1.00 0.00 ? 15 ILE A HG13 1 
ATOM 181 H HG21 . ILE A 1 15 ? -3.135  0.517   -3.586  1.00 0.00 ? 15 ILE A HG21 1 
ATOM 182 H HG22 . ILE A 1 15 ? -3.770  2.094   -3.127  1.00 0.00 ? 15 ILE A HG22 1 
ATOM 183 H HG23 . ILE A 1 15 ? -4.852  0.767   -3.589  1.00 0.00 ? 15 ILE A HG23 1 
ATOM 184 H HD11 . ILE A 1 15 ? -0.543  0.125   -1.033  1.00 0.00 ? 15 ILE A HD11 1 
ATOM 185 H HD12 . ILE A 1 15 ? -1.400  0.324   -2.568  1.00 0.00 ? 15 ILE A HD12 1 
ATOM 186 H HD13 . ILE A 1 15 ? -1.899  -0.904  -1.578  1.00 0.00 ? 15 ILE A HD13 1 
ATOM 187 N N    . ALA A 1 16 ? -7.324  0.291   -0.893  1.00 0.00 ? 16 ALA A N    1 
ATOM 188 C CA   . ALA A 1 16 ? -8.653  0.060   -1.410  1.00 0.00 ? 16 ALA A CA   1 
ATOM 189 C C    . ALA A 1 16 ? -9.729  0.594   -0.453  1.00 0.00 ? 16 ALA A C    1 
ATOM 190 O O    . ALA A 1 16 ? -10.906 0.280   -0.593  1.00 0.00 ? 16 ALA A O    1 
ATOM 191 C CB   . ALA A 1 16 ? -8.932  -1.386  -1.760  1.00 0.00 ? 16 ALA A CB   1 
ATOM 192 H H    . ALA A 1 16 ? -7.034  -0.194  -0.070  1.00 0.00 ? 16 ALA A H    1 
ATOM 193 H HA   . ALA A 1 16 ? -8.674  0.538   -2.374  1.00 0.00 ? 16 ALA A HA   1 
ATOM 194 H HB1  . ALA A 1 16 ? -9.879  -1.474  -2.287  1.00 0.00 ? 16 ALA A HB1  1 
ATOM 195 H HB2  . ALA A 1 16 ? -9.001  -2.008  -0.870  1.00 0.00 ? 16 ALA A HB2  1 
ATOM 196 H HB3  . ALA A 1 16 ? -8.147  -1.736  -2.426  1.00 0.00 ? 16 ALA A HB3  1 
ATOM 197 N N    . GLY A 1 17 ? -9.339  1.480   0.475   1.00 0.00 ? 17 GLY A N    1 
ATOM 198 C CA   . GLY A 1 17 ? -10.358 2.207   1.222   1.00 0.00 ? 17 GLY A CA   1 
ATOM 199 C C    . GLY A 1 17 ? -11.176 1.283   2.122   1.00 0.00 ? 17 GLY A C    1 
ATOM 200 O O    . GLY A 1 17 ? -12.393 1.149   2.008   1.00 0.00 ? 17 GLY A O    1 
ATOM 201 H H    . GLY A 1 17 ? -8.350  1.620   0.617   1.00 0.00 ? 17 GLY A H    1 
ATOM 202 H HA2  . GLY A 1 17 ? -9.838  2.937   1.832   1.00 0.00 ? 17 GLY A HA2  1 
ATOM 203 H HA3  . GLY A 1 17 ? -11.015 2.719   0.518   1.00 0.00 ? 17 GLY A HA3  1 
ATOM 204 N N    . GLY A 1 18 ? -10.424 0.674   3.039   1.00 0.00 ? 18 GLY A N    1 
ATOM 205 C CA   . GLY A 1 18 ? -11.065 -0.286  3.906   1.00 0.00 ? 18 GLY A CA   1 
ATOM 206 C C    . GLY A 1 18 ? -10.111 -1.218  4.660   1.00 0.00 ? 18 GLY A C    1 
ATOM 207 O O    . GLY A 1 18 ? -10.500 -2.344  4.968   1.00 0.00 ? 18 GLY A O    1 
ATOM 208 H H    . GLY A 1 18 ? -9.433  0.795   2.968   1.00 0.00 ? 18 GLY A H    1 
ATOM 209 H HA2  . GLY A 1 18 ? -11.670 0.278   4.614   1.00 0.00 ? 18 GLY A HA2  1 
ATOM 210 H HA3  . GLY A 1 18 ? -11.696 -0.900  3.263   1.00 0.00 ? 18 GLY A HA3  1 
ATOM 211 N N    . ALA A 1 19 ? -8.902  -0.708  4.978   1.00 0.00 ? 19 ALA A N    1 
ATOM 212 C CA   . ALA A 1 19 ? -7.945  -1.519  5.735   1.00 0.00 ? 19 ALA A CA   1 
ATOM 213 C C    . ALA A 1 19 ? -8.481  -1.861  7.122   1.00 0.00 ? 19 ALA A C    1 
ATOM 214 O O    . ALA A 1 19 ? -8.324  -1.109  8.071   1.00 0.00 ? 19 ALA A O    1 
ATOM 215 C CB   . ALA A 1 19 ? -6.636  -0.766  5.950   1.00 0.00 ? 19 ALA A CB   1 
ATOM 216 H H    . ALA A 1 19 ? -8.585  0.176   4.631   1.00 0.00 ? 19 ALA A H    1 
ATOM 217 H HA   . ALA A 1 19 ? -7.759  -2.431  5.170   1.00 0.00 ? 19 ALA A HA   1 
ATOM 218 H HB1  . ALA A 1 19 ? -5.899  -1.367  6.480   1.00 0.00 ? 19 ALA A HB1  1 
ATOM 219 H HB2  . ALA A 1 19 ? -6.780  0.174   6.483   1.00 0.00 ? 19 ALA A HB2  1 
ATOM 220 H HB3  . ALA A 1 19 ? -6.187  -0.536  5.012   1.00 0.00 ? 19 ALA A HB3  1 
ATOM 221 N N    . ARG A 1 20 ? -9.095  -3.041  7.176   1.00 0.00 ? 20 ARG A N    1 
ATOM 222 C CA   . ARG A 1 20 ? -9.590  -3.557  8.440   1.00 0.00 ? 20 ARG A CA   1 
ATOM 223 C C    . ARG A 1 20 ? -8.751  -4.783  8.864   1.00 0.00 ? 20 ARG A C    1 
ATOM 224 O O    . ARG A 1 20 ? -8.015  -4.720  9.845   1.00 0.00 ? 20 ARG A O    1 
ATOM 225 C CB   . ARG A 1 20 ? -11.096 -3.825  8.339   1.00 0.00 ? 20 ARG A CB   1 
ATOM 226 C CG   . ARG A 1 20 ? -11.968 -2.613  8.022   1.00 0.00 ? 20 ARG A CG   1 
ATOM 227 C CD   . ARG A 1 20 ? -13.334 -3.114  7.532   1.00 0.00 ? 20 ARG A CD   1 
ATOM 228 N NE   . ARG A 1 20 ? -14.186 -2.008  7.116   1.00 0.00 ? 20 ARG A NE   1 
ATOM 229 C CZ   . ARG A 1 20 ? -14.068 -1.436  5.896   1.00 0.00 ? 20 ARG A CZ   1 
ATOM 230 N NH1  . ARG A 1 20 ? -13.184 -1.901  5.026   1.00 0.00 ? 20 ARG A NH1  1 
ATOM 231 N NH2  . ARG A 1 20 ? -14.821 -0.393  5.579   1.00 0.00 ? 20 ARG A NH2  1 
ATOM 232 H H    . ARG A 1 20 ? -9.212  -3.497  6.293   1.00 0.00 ? 20 ARG A H    1 
ATOM 233 H HA   . ARG A 1 20 ? -9.435  -2.800  9.212   1.00 0.00 ? 20 ARG A HA   1 
ATOM 234 H HB2  . ARG A 1 20 ? -11.285 -4.483  7.510   1.00 0.00 ? 20 ARG A HB2  1 
ATOM 235 H HB3  . ARG A 1 20 ? -11.450 -4.330  9.238   1.00 0.00 ? 20 ARG A HB3  1 
ATOM 236 H HG2  . ARG A 1 20 ? -12.066 -1.970  8.897   1.00 0.00 ? 20 ARG A HG2  1 
ATOM 237 H HG3  . ARG A 1 20 ? -11.498 -2.010  7.246   1.00 0.00 ? 20 ARG A HG3  1 
ATOM 238 H HD2  . ARG A 1 20 ? -13.237 -3.817  6.700   1.00 0.00 ? 20 ARG A HD2  1 
ATOM 239 H HD3  . ARG A 1 20 ? -13.859 -3.639  8.330   1.00 0.00 ? 20 ARG A HD3  1 
ATOM 240 H HE   . ARG A 1 20 ? -14.844 -1.692  7.803   1.00 0.00 ? 20 ARG A HE   1 
ATOM 241 H HH11 . ARG A 1 20 ? -12.527 -2.610  5.305   1.00 0.00 ? 20 ARG A HH11 1 
ATOM 242 H HH12 . ARG A 1 20 ? -13.096 -1.558  4.088   1.00 0.00 ? 20 ARG A HH12 1 
ATOM 243 H HH21 . ARG A 1 20 ? -15.495 -0.033  6.222   1.00 0.00 ? 20 ARG A HH21 1 
ATOM 244 H HH22 . ARG A 1 20 ? -14.705 0.054   4.695   1.00 0.00 ? 20 ARG A HH22 1 
ATOM 245 N N    . PRO A 1 21 ? -8.841  -5.926  8.111   1.00 0.00 ? 21 PRO A N    1 
ATOM 246 C CA   . PRO A 1 21 ? -8.122  -7.122  8.552   1.00 0.00 ? 21 PRO A CA   1 
ATOM 247 C C    . PRO A 1 21 ? -6.608  -6.975  8.347   1.00 0.00 ? 21 PRO A C    1 
ATOM 248 O O    . PRO A 1 21 ? -5.784  -7.598  9.000   1.00 0.00 ? 21 PRO A O    1 
ATOM 249 C CB   . PRO A 1 21 ? -8.694  -8.230  7.658   1.00 0.00 ? 21 PRO A CB   1 
ATOM 250 C CG   . PRO A 1 21 ? -9.176  -7.524  6.386   1.00 0.00 ? 21 PRO A CG   1 
ATOM 251 C CD   . PRO A 1 21 ? -9.584  -6.140  6.864   1.00 0.00 ? 21 PRO A CD   1 
ATOM 252 H HA   . PRO A 1 21 ? -8.305  -7.318  9.609   1.00 0.00 ? 21 PRO A HA   1 
ATOM 253 H HB2  . PRO A 1 21 ? -7.995  -9.040  7.450   1.00 0.00 ? 21 PRO A HB2  1 
ATOM 254 H HB3  . PRO A 1 21 ? -9.554  -8.660  8.169   1.00 0.00 ? 21 PRO A HB3  1 
ATOM 255 H HG2  . PRO A 1 21 ? -8.371  -7.444  5.654   1.00 0.00 ? 21 PRO A HG2  1 
ATOM 256 H HG3  . PRO A 1 21 ? -10.009 -8.046  5.913   1.00 0.00 ? 21 PRO A HG3  1 
ATOM 257 H HD2  . PRO A 1 21 ? -9.384  -5.376  6.111   1.00 0.00 ? 21 PRO A HD2  1 
ATOM 258 H HD3  . PRO A 1 21 ? -10.646 -6.224  7.067   1.00 0.00 ? 21 PRO A HD3  1 
ATOM 259 N N    . THR A 1 22 ? -6.323  -6.006  7.462   1.00 0.00 ? 22 THR A N    1 
ATOM 260 C CA   . THR A 1 22 ? -4.971  -5.609  7.136   1.00 0.00 ? 22 THR A CA   1 
ATOM 261 C C    . THR A 1 22 ? -4.249  -4.940  8.322   1.00 0.00 ? 22 THR A C    1 
ATOM 262 O O    . THR A 1 22 ? -3.086  -4.617  8.228   1.00 0.00 ? 22 THR A O    1 
ATOM 263 C CB   . THR A 1 22 ? -5.072  -4.652  5.933   1.00 0.00 ? 22 THR A CB   1 
ATOM 264 O OG1  . THR A 1 22 ? -5.810  -5.276  4.890   1.00 0.00 ? 22 THR A OG1  1 
ATOM 265 C CG2  . THR A 1 22 ? -3.722  -4.148  5.454   1.00 0.00 ? 22 THR A CG2  1 
ATOM 266 H H    . THR A 1 22 ? -7.012  -5.619  6.853   1.00 0.00 ? 22 THR A H    1 
ATOM 267 H HA   . THR A 1 22 ? -4.430  -6.521  6.871   1.00 0.00 ? 22 THR A HA   1 
ATOM 268 H HB   . THR A 1 22 ? -5.625  -3.760  6.211   1.00 0.00 ? 22 THR A HB   1 
ATOM 269 H HG1  . THR A 1 22 ? -5.181  -5.685  4.280   1.00 0.00 ? 22 THR A HG1  1 
ATOM 270 H HG21 . THR A 1 22 ? -3.797  -3.417  4.652   1.00 0.00 ? 22 THR A HG21 1 
ATOM 271 H HG22 . THR A 1 22 ? -3.184  -5.023  5.118   1.00 0.00 ? 22 THR A HG22 1 
ATOM 272 H HG23 . THR A 1 22 ? -3.103  -3.669  6.207   1.00 0.00 ? 22 THR A HG23 1 
ATOM 273 N N    . ALA A 1 23 ? -4.904  -4.757  9.475   1.00 0.00 ? 23 ALA A N    1 
ATOM 274 C CA   . ALA A 1 23 ? -4.155  -4.076  10.539  1.00 0.00 ? 23 ALA A CA   1 
ATOM 275 C C    . ALA A 1 23 ? -2.838  -4.814  10.924  1.00 0.00 ? 23 ALA A C    1 
ATOM 276 O O    . ALA A 1 23 ? -1.804  -4.231  11.224  1.00 0.00 ? 23 ALA A O    1 
ATOM 277 C CB   . ALA A 1 23 ? -5.075  -3.952  11.750  1.00 0.00 ? 23 ALA A CB   1 
ATOM 278 H H    . ALA A 1 23 ? -5.882  -4.939  9.556   1.00 0.00 ? 23 ALA A H    1 
ATOM 279 H HA   . ALA A 1 23 ? -3.899  -3.085  10.156  1.00 0.00 ? 23 ALA A HA   1 
ATOM 280 H HB1  . ALA A 1 23 ? -4.584  -3.400  12.551  1.00 0.00 ? 23 ALA A HB1  1 
ATOM 281 H HB2  . ALA A 1 23 ? -5.359  -4.935  12.126  1.00 0.00 ? 23 ALA A HB2  1 
ATOM 282 H HB3  . ALA A 1 23 ? -5.984  -3.416  11.473  1.00 0.00 ? 23 ALA A HB3  1 
ATOM 283 N N    . ALA A 1 24 ? -2.938  -6.155  10.908  1.00 0.00 ? 24 ALA A N    1 
ATOM 284 C CA   . ALA A 1 24 ? -1.733  -6.948  11.156  1.00 0.00 ? 24 ALA A CA   1 
ATOM 285 C C    . ALA A 1 24 ? -0.758  -6.819  9.980   1.00 0.00 ? 24 ALA A C    1 
ATOM 286 O O    . ALA A 1 24 ? 0.451   -6.748  10.112  1.00 0.00 ? 24 ALA A O    1 
ATOM 287 C CB   . ALA A 1 24 ? -2.125  -8.412  11.335  1.00 0.00 ? 24 ALA A CB   1 
ATOM 288 H H    . ALA A 1 24 ? -3.817  -6.558  10.664  1.00 0.00 ? 24 ALA A H    1 
ATOM 289 H HA   . ALA A 1 24 ? -1.244  -6.558  12.052  1.00 0.00 ? 24 ALA A HA   1 
ATOM 290 H HB1  . ALA A 1 24 ? -1.240  -9.029  11.494  1.00 0.00 ? 24 ALA A HB1  1 
ATOM 291 H HB2  . ALA A 1 24 ? -2.649  -8.797  10.458  1.00 0.00 ? 24 ALA A HB2  1 
ATOM 292 H HB3  . ALA A 1 24 ? -2.778  -8.531  12.198  1.00 0.00 ? 24 ALA A HB3  1 
ATOM 293 N N    . CYS A 1 25 ? -1.387  -6.772  8.810   1.00 0.00 ? 25 CYS A N    1 
ATOM 294 C CA   . CYS A 1 25 ? -0.596  -6.557  7.627   1.00 0.00 ? 25 CYS A CA   1 
ATOM 295 C C    . CYS A 1 25 ? 0.175   -5.231  7.774   1.00 0.00 ? 25 CYS A C    1 
ATOM 296 O O    . CYS A 1 25 ? 1.341   -5.212  7.439   1.00 0.00 ? 25 CYS A O    1 
ATOM 297 C CB   . CYS A 1 25 ? -1.521  -6.603  6.423   1.00 0.00 ? 25 CYS A CB   1 
ATOM 298 S SG   . CYS A 1 25 ? -0.732  -6.497  4.808   1.00 0.00 ? 25 CYS A SG   1 
ATOM 299 H H    . CYS A 1 25 ? -2.370  -6.643  8.761   1.00 0.00 ? 25 CYS A H    1 
ATOM 300 H HA   . CYS A 1 25 ? 0.125   -7.372  7.571   1.00 0.00 ? 25 CYS A HA   1 
ATOM 301 H HB2  . CYS A 1 25 ? -2.184  -7.465  6.450   1.00 0.00 ? 25 CYS A HB2  1 
ATOM 302 H HB3  . CYS A 1 25 ? -2.127  -5.731  6.548   1.00 0.00 ? 25 CYS A HB3  1 
ATOM 303 N N    . CYS A 1 26 ? -0.463  -4.182  8.357   1.00 0.00 ? 26 CYS A N    1 
ATOM 304 C CA   . CYS A 1 26 ? 0.232   -2.925  8.621   1.00 0.00 ? 26 CYS A CA   1 
ATOM 305 C C    . CYS A 1 26 ? 1.580   -3.269  9.219   1.00 0.00 ? 26 CYS A C    1 
ATOM 306 O O    . CYS A 1 26 ? 2.606   -3.106  8.582   1.00 0.00 ? 26 CYS A O    1 
ATOM 307 C CB   . CYS A 1 26 ? -0.599  -1.931  9.480   1.00 0.00 ? 26 CYS A CB   1 
ATOM 308 S SG   . CYS A 1 26 ? -2.120  -1.430  8.640   1.00 0.00 ? 26 CYS A SG   1 
ATOM 309 H H    . CYS A 1 26 ? -1.371  -4.301  8.739   1.00 0.00 ? 26 CYS A H    1 
ATOM 310 H HA   . CYS A 1 26 ? 0.443   -2.486  7.646   1.00 0.00 ? 26 CYS A HA   1 
ATOM 311 H HB2  . CYS A 1 26 ? -0.836  -2.329  10.461  1.00 0.00 ? 26 CYS A HB2  1 
ATOM 312 H HB3  . CYS A 1 26 ? -0.036  -1.027  9.698   1.00 0.00 ? 26 CYS A HB3  1 
ATOM 313 N N    . SER A 1 27 ? 1.574   -3.844  10.426  1.00 0.00 ? 27 SER A N    1 
ATOM 314 C CA   . SER A 1 27 ? 2.881   -4.137  11.007  1.00 0.00 ? 27 SER A CA   1 
ATOM 315 C C    . SER A 1 27 ? 3.835   -4.948  10.068  1.00 0.00 ? 27 SER A C    1 
ATOM 316 O O    . SER A 1 27 ? 5.052   -4.771  10.136  1.00 0.00 ? 27 SER A O    1 
ATOM 317 C CB   . SER A 1 27 ? 2.651   -4.839  12.337  1.00 0.00 ? 27 SER A CB   1 
ATOM 318 O OG   . SER A 1 27 ? 1.882   -5.983  12.120  1.00 0.00 ? 27 SER A OG   1 
ATOM 319 H H    . SER A 1 27 ? 0.710   -4.146  10.836  1.00 0.00 ? 27 SER A H    1 
ATOM 320 H HA   . SER A 1 27 ? 3.348   -3.167  11.186  1.00 0.00 ? 27 SER A HA   1 
ATOM 321 H HB2  . SER A 1 27 ? 3.594   -5.105  12.816  1.00 0.00 ? 27 SER A HB2  1 
ATOM 322 H HB3  . SER A 1 27 ? 2.072   -4.205  13.008  1.00 0.00 ? 27 SER A HB3  1 
ATOM 323 H HG   . SER A 1 27 ? 2.059   -6.612  12.800  1.00 0.00 ? 27 SER A HG   1 
ATOM 324 N N    . SER A 1 28 ? 3.245   -5.788  9.191   1.00 0.00 ? 28 SER A N    1 
ATOM 325 C CA   . SER A 1 28 ? 4.014   -6.550  8.209   1.00 0.00 ? 28 SER A CA   1 
ATOM 326 C C    . SER A 1 28 ? 4.764   -5.614  7.239   1.00 0.00 ? 28 SER A C    1 
ATOM 327 O O    . SER A 1 28 ? 5.926   -5.816  6.914   1.00 0.00 ? 28 SER A O    1 
ATOM 328 C CB   . SER A 1 28 ? 3.113   -7.552  7.453   1.00 0.00 ? 28 SER A CB   1 
ATOM 329 O OG   . SER A 1 28 ? 2.509   -8.474  8.336   1.00 0.00 ? 28 SER A OG   1 
ATOM 330 H H    . SER A 1 28 ? 2.244   -5.841  9.190   1.00 0.00 ? 28 SER A H    1 
ATOM 331 H HA   . SER A 1 28 ? 4.761   -7.103  8.775   1.00 0.00 ? 28 SER A HA   1 
ATOM 332 H HB2  . SER A 1 28 ? 2.324   -7.075  6.878   1.00 0.00 ? 28 SER A HB2  1 
ATOM 333 H HB3  . SER A 1 28 ? 3.692   -8.108  6.716   1.00 0.00 ? 28 SER A HB3  1 
ATOM 334 H HG   . SER A 1 28 ? 2.047   -9.103  7.798   1.00 0.00 ? 28 SER A HG   1 
ATOM 335 N N    . LEU A 1 29 ? 4.024   -4.587  6.816   1.00 0.00 ? 29 LEU A N    1 
ATOM 336 C CA   . LEU A 1 29 ? 4.551   -3.627  5.878   1.00 0.00 ? 29 LEU A CA   1 
ATOM 337 C C    . LEU A 1 29 ? 5.671   -2.863  6.573   1.00 0.00 ? 29 LEU A C    1 
ATOM 338 O O    . LEU A 1 29 ? 6.692   -2.558  5.990   1.00 0.00 ? 29 LEU A O    1 
ATOM 339 C CB   . LEU A 1 29 ? 3.408   -2.771  5.284   1.00 0.00 ? 29 LEU A CB   1 
ATOM 340 C CG   . LEU A 1 29 ? 2.588   -3.557  4.277   1.00 0.00 ? 29 LEU A CG   1 
ATOM 341 C CD1  . LEU A 1 29 ? 1.856   -4.741  4.806   1.00 0.00 ? 29 LEU A CD1  1 
ATOM 342 C CD2  . LEU A 1 29 ? 1.587   -2.668  3.510   1.00 0.00 ? 29 LEU A CD2  1 
ATOM 343 H H    . LEU A 1 29 ? 3.084   -4.438  7.138   1.00 0.00 ? 29 LEU A H    1 
ATOM 344 H HA   . LEU A 1 29 ? 5.012   -4.192  5.075   1.00 0.00 ? 29 LEU A HA   1 
ATOM 345 H HB2  . LEU A 1 29 ? 2.732   -2.374  6.039   1.00 0.00 ? 29 LEU A HB2  1 
ATOM 346 H HB3  . LEU A 1 29 ? 3.840   -1.925  4.743   1.00 0.00 ? 29 LEU A HB3  1 
ATOM 347 H HG   . LEU A 1 29 ? 3.315   -4.075  3.693   1.00 0.00 ? 29 LEU A HG   1 
ATOM 348 H HD11 . LEU A 1 29 ? 1.336   -5.236  3.995   1.00 0.00 ? 29 LEU A HD11 1 
ATOM 349 H HD12 . LEU A 1 29 ? 1.145   -4.339  5.505   1.00 0.00 ? 29 LEU A HD12 1 
ATOM 350 H HD13 . LEU A 1 29 ? 2.494   -5.493  5.254   1.00 0.00 ? 29 LEU A HD13 1 
ATOM 351 H HD21 . LEU A 1 29 ? 1.074   -3.233  2.727   1.00 0.00 ? 29 LEU A HD21 1 
ATOM 352 H HD22 . LEU A 1 29 ? 2.051   -1.805  3.038   1.00 0.00 ? 29 LEU A HD22 1 
ATOM 353 H HD23 . LEU A 1 29 ? 0.819   -2.281  4.178   1.00 0.00 ? 29 LEU A HD23 1 
ATOM 354 N N    . ARG A 1 30 ? 5.476   -2.618  7.877   1.00 0.00 ? 30 ARG A N    1 
ATOM 355 C CA   . ARG A 1 30 ? 6.442   -1.824  8.620   1.00 0.00 ? 30 ARG A CA   1 
ATOM 356 C C    . ARG A 1 30 ? 7.759   -2.548  8.716   1.00 0.00 ? 30 ARG A C    1 
ATOM 357 O O    . ARG A 1 30 ? 8.809   -1.984  8.997   1.00 0.00 ? 30 ARG A O    1 
ATOM 358 C CB   . ARG A 1 30 ? 5.931   -1.578  10.042  1.00 0.00 ? 30 ARG A CB   1 
ATOM 359 C CG   . ARG A 1 30 ? 6.643   -0.374  10.673  1.00 0.00 ? 30 ARG A CG   1 
ATOM 360 C CD   . ARG A 1 30 ? 6.046   0.084   12.007  1.00 0.00 ? 30 ARG A CD   1 
ATOM 361 N NE   . ARG A 1 30 ? 6.311   -0.908  13.039  1.00 0.00 ? 30 ARG A NE   1 
ATOM 362 C CZ   . ARG A 1 30 ? 7.506   -0.937  13.663  1.00 0.00 ? 30 ARG A CZ   1 
ATOM 363 N NH1  . ARG A 1 30 ? 8.457   -0.076  13.297  1.00 0.00 ? 30 ARG A NH1  1 
ATOM 364 N NH2  . ARG A 1 30 ? 7.728   -1.827  14.626  1.00 0.00 ? 30 ARG A NH2  1 
ATOM 365 H H    . ARG A 1 30 ? 4.581   -2.876  8.244   1.00 0.00 ? 30 ARG A H    1 
ATOM 366 H HA   . ARG A 1 30 ? 6.631   -0.904  8.067   1.00 0.00 ? 30 ARG A HA   1 
ATOM 367 H HB2  . ARG A 1 30 ? 4.864   -1.440  9.999   1.00 0.00 ? 30 ARG A HB2  1 
ATOM 368 H HB3  . ARG A 1 30 ? 6.041   -2.473  10.653  1.00 0.00 ? 30 ARG A HB3  1 
ATOM 369 H HG2  . ARG A 1 30 ? 7.694   -0.627  10.802  1.00 0.00 ? 30 ARG A HG2  1 
ATOM 370 H HG3  . ARG A 1 30 ? 6.637   0.462   9.972   1.00 0.00 ? 30 ARG A HG3  1 
ATOM 371 H HD2  . ARG A 1 30 ? 6.434   1.056   12.314  1.00 0.00 ? 30 ARG A HD2  1 
ATOM 372 H HD3  . ARG A 1 30 ? 4.968   0.194   11.975  1.00 0.00 ? 30 ARG A HD3  1 
ATOM 373 H HE   . ARG A 1 30 ? 5.552   -1.546  13.181  1.00 0.00 ? 30 ARG A HE   1 
ATOM 374 H HH11 . ARG A 1 30 ? 8.237   0.601   12.582  1.00 0.00 ? 30 ARG A HH11 1 
ATOM 375 H HH12 . ARG A 1 30 ? 9.378   -0.077  13.685  1.00 0.00 ? 30 ARG A HH12 1 
ATOM 376 H HH21 . ARG A 1 30 ? 7.022   -2.498  14.861  1.00 0.00 ? 30 ARG A HH21 1 
ATOM 377 H HH22 . ARG A 1 30 ? 8.597   -1.854  15.122  1.00 0.00 ? 30 ARG A HH22 1 
ATOM 378 N N    . ALA A 1 31 ? 7.608   -3.854  8.528   1.00 0.00 ? 31 ALA A N    1 
ATOM 379 C CA   . ALA A 1 31 ? 8.760   -4.703  8.591   1.00 0.00 ? 31 ALA A CA   1 
ATOM 380 C C    . ALA A 1 31 ? 9.449   -4.796  7.215   1.00 0.00 ? 31 ALA A C    1 
ATOM 381 O O    . ALA A 1 31 ? 10.619  -5.152  7.134   1.00 0.00 ? 31 ALA A O    1 
ATOM 382 C CB   . ALA A 1 31 ? 8.265   -6.035  9.136   1.00 0.00 ? 31 ALA A CB   1 
ATOM 383 H H    . ALA A 1 31 ? 6.706   -4.238  8.316   1.00 0.00 ? 31 ALA A H    1 
ATOM 384 H HA   . ALA A 1 31 ? 9.468   -4.268  9.300   1.00 0.00 ? 31 ALA A HA   1 
ATOM 385 H HB1  . ALA A 1 31 ? 9.092   -6.723  9.277   1.00 0.00 ? 31 ALA A HB1  1 
ATOM 386 H HB2  . ALA A 1 31 ? 7.539   -6.495  8.469   1.00 0.00 ? 31 ALA A HB2  1 
ATOM 387 H HB3  . ALA A 1 31 ? 7.771   -5.881  10.098  1.00 0.00 ? 31 ALA A HB3  1 
ATOM 388 N N    . GLN A 1 32 ? 8.713   -4.447  6.134   1.00 0.00 ? 32 GLN A N    1 
ATOM 389 C CA   . GLN A 1 32 ? 9.279   -4.549  4.784   1.00 0.00 ? 32 GLN A CA   1 
ATOM 390 C C    . GLN A 1 32 ? 8.956   -3.300  3.927   1.00 0.00 ? 32 GLN A C    1 
ATOM 391 O O    . GLN A 1 32 ? 8.994   -3.360  2.697   1.00 0.00 ? 32 GLN A O    1 
ATOM 392 C CB   . GLN A 1 32 ? 8.943   -5.944  4.175   1.00 0.00 ? 32 GLN A CB   1 
ATOM 393 C CG   . GLN A 1 32 ? 8.453   -6.033  2.712   1.00 0.00 ? 32 GLN A CG   1 
ATOM 394 C CD   . GLN A 1 32 ? 7.037   -5.497  2.643   1.00 0.00 ? 32 GLN A CD   1 
ATOM 395 O OE1  . GLN A 1 32 ? 6.392   -5.339  3.667   1.00 0.00 ? 32 GLN A OE1  1 
ATOM 396 N NE2  . GLN A 1 32 ? 6.584   -5.217  1.419   1.00 0.00 ? 32 GLN A NE2  1 
ATOM 397 H H    . GLN A 1 32 ? 7.746   -4.192  6.205   1.00 0.00 ? 32 GLN A H    1 
ATOM 398 H HA   . GLN A 1 32 ? 10.362  -4.496  4.890   1.00 0.00 ? 32 GLN A HA   1 
ATOM 399 H HB2  . GLN A 1 32 ? 9.828   -6.571  4.264   1.00 0.00 ? 32 GLN A HB2  1 
ATOM 400 H HB3  . GLN A 1 32 ? 8.202   -6.434  4.810   1.00 0.00 ? 32 GLN A HB3  1 
ATOM 401 H HG2  . GLN A 1 32 ? 9.108   -5.519  2.009   1.00 0.00 ? 32 GLN A HG2  1 
ATOM 402 H HG3  . GLN A 1 32 ? 8.400   -7.067  2.381   1.00 0.00 ? 32 GLN A HG3  1 
ATOM 403 H HE21 . GLN A 1 32 ? 7.083   -5.315  0.571   1.00 0.00 ? 32 GLN A HE21 1 
ATOM 404 H HE22 . GLN A 1 32 ? 5.640   -4.889  1.415   1.00 0.00 ? 32 GLN A HE22 1 
ATOM 405 N N    . GLN A 1 33 ? 8.778   -2.152  4.619   1.00 0.00 ? 33 GLN A N    1 
ATOM 406 C CA   . GLN A 1 33 ? 8.373   -0.945  3.913   1.00 0.00 ? 33 GLN A CA   1 
ATOM 407 C C    . GLN A 1 33 ? 9.363   -0.629  2.748   1.00 0.00 ? 33 GLN A C    1 
ATOM 408 O O    . GLN A 1 33 ? 9.078   0.073   1.793   1.00 0.00 ? 33 GLN A O    1 
ATOM 409 C CB   . GLN A 1 33 ? 8.009   0.240   4.835   1.00 0.00 ? 33 GLN A CB   1 
ATOM 410 C CG   . GLN A 1 33 ? 8.652   1.578   4.441   1.00 0.00 ? 33 GLN A CG   1 
ATOM 411 C CD   . GLN A 1 33 ? 10.164  1.463   4.646   1.00 0.00 ? 33 GLN A CD   1 
ATOM 412 O OE1  . GLN A 1 33 ? 10.673  0.506   5.214   1.00 0.00 ? 33 GLN A OE1  1 
ATOM 413 N NE2  . GLN A 1 33 ? 10.883  2.416   4.081   1.00 0.00 ? 33 GLN A NE2  1 
ATOM 414 H H    . GLN A 1 33 ? 8.630   -2.169  5.607   1.00 0.00 ? 33 GLN A H    1 
ATOM 415 H HA   . GLN A 1 33 ? 7.397   -1.219  3.565   1.00 0.00 ? 33 GLN A HA   1 
ATOM 416 H HB2  . GLN A 1 33 ? 6.928   0.376   4.792   1.00 0.00 ? 33 GLN A HB2  1 
ATOM 417 H HB3  . GLN A 1 33 ? 8.199   0.008   5.881   1.00 0.00 ? 33 GLN A HB3  1 
ATOM 418 H HG2  . GLN A 1 33 ? 8.428   1.820   3.398   1.00 0.00 ? 33 GLN A HG2  1 
ATOM 419 H HG3  . GLN A 1 33 ? 8.244   2.399   5.029   1.00 0.00 ? 33 GLN A HG3  1 
ATOM 420 H HE21 . GLN A 1 33 ? 10.437  3.169   3.598   1.00 0.00 ? 33 GLN A HE21 1 
ATOM 421 H HE22 . GLN A 1 33 ? 11.874  2.330   4.084   1.00 0.00 ? 33 GLN A HE22 1 
ATOM 422 N N    . GLY A 1 34 ? 10.581  -1.181  2.869   1.00 0.00 ? 34 GLY A N    1 
ATOM 423 C CA   . GLY A 1 34 ? 11.666  -0.834  1.965   1.00 0.00 ? 34 GLY A CA   1 
ATOM 424 C C    . GLY A 1 34 ? 11.309  -1.006  0.485   1.00 0.00 ? 34 GLY A C    1 
ATOM 425 O O    . GLY A 1 34 ? 11.672  -0.211  -0.370  1.00 0.00 ? 34 GLY A O    1 
ATOM 426 H H    . GLY A 1 34 ? 10.698  -1.764  3.668   1.00 0.00 ? 34 GLY A H    1 
ATOM 427 H HA2  . GLY A 1 34 ? 11.947  0.198   2.175   1.00 0.00 ? 34 GLY A HA2  1 
ATOM 428 H HA3  . GLY A 1 34 ? 12.496  -1.494  2.210   1.00 0.00 ? 34 GLY A HA3  1 
ATOM 429 N N    . CYS A 1 35 ? 10.637  -2.128  0.193   1.00 0.00 ? 35 CYS A N    1 
ATOM 430 C CA   . CYS A 1 35 ? 10.313  -2.336  -1.210  1.00 0.00 ? 35 CYS A CA   1 
ATOM 431 C C    . CYS A 1 35 ? 9.124   -1.471  -1.659  1.00 0.00 ? 35 CYS A C    1 
ATOM 432 O O    . CYS A 1 35 ? 8.970   -1.256  -2.853  1.00 0.00 ? 35 CYS A O    1 
ATOM 433 C CB   . CYS A 1 35 ? 10.099  -3.818  -1.475  1.00 0.00 ? 35 CYS A CB   1 
ATOM 434 S SG   . CYS A 1 35 ? 8.609   -4.442  -0.700  1.00 0.00 ? 35 CYS A SG   1 
ATOM 435 H H    . CYS A 1 35 ? 10.350  -2.756  0.920   1.00 0.00 ? 35 CYS A H    1 
ATOM 436 H HA   . CYS A 1 35 ? 11.171  -2.022  -1.811  1.00 0.00 ? 35 CYS A HA   1 
ATOM 437 H HB2  . CYS A 1 35 ? 10.036  -3.985  -2.550  1.00 0.00 ? 35 CYS A HB2  1 
ATOM 438 H HB3  . CYS A 1 35 ? 10.946  -4.396  -1.113  1.00 0.00 ? 35 CYS A HB3  1 
ATOM 439 N N    . PHE A 1 36 ? 8.350   -0.967  -0.684  1.00 0.00 ? 36 PHE A N    1 
ATOM 440 C CA   . PHE A 1 36 ? 7.259   -0.044  -1.002  1.00 0.00 ? 36 PHE A CA   1 
ATOM 441 C C    . PHE A 1 36 ? 7.804   1.296   -1.487  1.00 0.00 ? 36 PHE A C    1 
ATOM 442 O O    . PHE A 1 36 ? 7.122   2.079   -2.134  1.00 0.00 ? 36 PHE A O    1 
ATOM 443 C CB   . PHE A 1 36 ? 6.413   0.256   0.216   1.00 0.00 ? 36 PHE A CB   1 
ATOM 444 C CG   . PHE A 1 36 ? 5.628   -0.906  0.690   1.00 0.00 ? 36 PHE A CG   1 
ATOM 445 C CD1  . PHE A 1 36 ? 6.178   -1.811  1.556   1.00 0.00 ? 36 PHE A CD1  1 
ATOM 446 C CD2  . PHE A 1 36 ? 4.300   -1.031  0.349   1.00 0.00 ? 36 PHE A CD2  1 
ATOM 447 C CE1  . PHE A 1 36 ? 5.398   -2.778  2.142   1.00 0.00 ? 36 PHE A CE1  1 
ATOM 448 C CE2  . PHE A 1 36 ? 3.541   -2.061  0.864   1.00 0.00 ? 36 PHE A CE2  1 
ATOM 449 C CZ   . PHE A 1 36 ? 4.115   -2.979  1.686   1.00 0.00 ? 36 PHE A CZ   1 
ATOM 450 H H    . PHE A 1 36 ? 8.537   -1.103  0.286   1.00 0.00 ? 36 PHE A H    1 
ATOM 451 H HA   . PHE A 1 36 ? 6.646   -0.494  -1.784  1.00 0.00 ? 36 PHE A HA   1 
ATOM 452 H HB2  . PHE A 1 36 ? 7.035   0.595   1.035   1.00 0.00 ? 36 PHE A HB2  1 
ATOM 453 H HB3  . PHE A 1 36 ? 5.705   1.062   0.021   1.00 0.00 ? 36 PHE A HB3  1 
ATOM 454 H HD1  . PHE A 1 36 ? 7.231   -1.773  1.750   1.00 0.00 ? 36 PHE A HD1  1 
ATOM 455 H HD2  . PHE A 1 36 ? 3.824   -0.309  -0.298  1.00 0.00 ? 36 PHE A HD2  1 
ATOM 456 H HE1  . PHE A 1 36 ? 5.770   -3.320  2.988   1.00 0.00 ? 36 PHE A HE1  1 
ATOM 457 H HE2  . PHE A 1 36 ? 2.492   -2.155  0.623   1.00 0.00 ? 36 PHE A HE2  1 
ATOM 458 H HZ   . PHE A 1 36 ? 3.532   -3.860  1.875   1.00 0.00 ? 36 PHE A HZ   1 
ATOM 459 N N    . CYS A 1 37 ? 9.111   1.485   -1.246  1.00 0.00 ? 37 CYS A N    1 
ATOM 460 C CA   . CYS A 1 37 ? 9.754   2.611   -1.902  1.00 0.00 ? 37 CYS A CA   1 
ATOM 461 C C    . CYS A 1 37 ? 9.644   2.535   -3.406  1.00 0.00 ? 37 CYS A C    1 
ATOM 462 O O    . CYS A 1 37 ? 9.658   3.523   -4.121  1.00 0.00 ? 37 CYS A O    1 
ATOM 463 C CB   . CYS A 1 37 ? 11.262  2.654   -1.529  1.00 0.00 ? 37 CYS A CB   1 
ATOM 464 S SG   . CYS A 1 37 ? 12.251  4.056   -2.171  1.00 0.00 ? 37 CYS A SG   1 
ATOM 465 H H    . CYS A 1 37 ? 9.550   0.999   -0.488  1.00 0.00 ? 37 CYS A H    1 
ATOM 466 H HA   . CYS A 1 37 ? 9.129   3.459   -1.640  1.00 0.00 ? 37 CYS A HA   1 
ATOM 467 H HB2  . CYS A 1 37 ? 11.356  2.645   -0.441  1.00 0.00 ? 37 CYS A HB2  1 
ATOM 468 H HB3  . CYS A 1 37 ? 11.737  1.738   -1.867  1.00 0.00 ? 37 CYS A HB3  1 
ATOM 469 N N    . GLN A 1 38 ? 9.600   1.289   -3.866  1.00 0.00 ? 38 GLN A N    1 
ATOM 470 C CA   . GLN A 1 38 ? 9.444   1.123   -5.283  1.00 0.00 ? 38 GLN A CA   1 
ATOM 471 C C    . GLN A 1 38 ? 8.018   1.444   -5.656  1.00 0.00 ? 38 GLN A C    1 
ATOM 472 O O    . GLN A 1 38 ? 7.737   1.977   -6.723  1.00 0.00 ? 38 GLN A O    1 
ATOM 473 C CB   . GLN A 1 38 ? 9.949   -0.278  -5.672  1.00 0.00 ? 38 GLN A CB   1 
ATOM 474 C CG   . GLN A 1 38 ? 10.566  -0.498  -7.082  1.00 0.00 ? 38 GLN A CG   1 
ATOM 475 C CD   . GLN A 1 38 ? 9.745   0.085   -8.279  1.00 0.00 ? 38 GLN A CD   1 
ATOM 476 O OE1  . GLN A 1 38 ? 8.663   0.357   -8.246  1.00 0.00 ? 38 GLN A OE1  1 
ATOM 477 N NE2  . GLN A 1 38 ? 10.482  0.252   -9.419  1.00 0.00 ? 38 GLN A NE2  1 
ATOM 478 H H    . GLN A 1 38 ? 9.547   0.551   -3.199  1.00 0.00 ? 38 GLN A H    1 
ATOM 479 H HA   . GLN A 1 38 ? 10.006  1.914   -5.724  1.00 0.00 ? 38 GLN A HA   1 
ATOM 480 H HB2  . GLN A 1 38 ? 10.749  -0.509  -4.966  1.00 0.00 ? 38 GLN A HB2  1 
ATOM 481 H HB3  . GLN A 1 38 ? 9.199   -1.027  -5.440  1.00 0.00 ? 38 GLN A HB3  1 
ATOM 482 H HG2  . GLN A 1 38 ? 11.560  -0.090  -7.084  1.00 0.00 ? 38 GLN A HG2  1 
ATOM 483 H HG3  . GLN A 1 38 ? 10.666  -1.566  -7.237  1.00 0.00 ? 38 GLN A HG3  1 
ATOM 484 H HE21 . GLN A 1 38 ? 11.379  -0.049  -9.617  1.00 0.00 ? 38 GLN A HE21 1 
ATOM 485 H HE22 . GLN A 1 38 ? 9.929   0.792   -10.076 1.00 0.00 ? 38 GLN A HE22 1 
ATOM 486 N N    . PHE A 1 39 ? 7.122   1.055   -4.779  1.00 0.00 ? 39 PHE A N    1 
ATOM 487 C CA   . PHE A 1 39 ? 5.736   1.287   -5.096  1.00 0.00 ? 39 PHE A CA   1 
ATOM 488 C C    . PHE A 1 39 ? 5.475   2.779   -5.361  1.00 0.00 ? 39 PHE A C    1 
ATOM 489 O O    . PHE A 1 39 ? 4.855   3.136   -6.360  1.00 0.00 ? 39 PHE A O    1 
ATOM 490 C CB   . PHE A 1 39 ? 4.992   0.707   -3.928  1.00 0.00 ? 39 PHE A CB   1 
ATOM 491 C CG   . PHE A 1 39 ? 3.563   0.932   -4.028  1.00 0.00 ? 39 PHE A CG   1 
ATOM 492 C CD1  . PHE A 1 39 ? 2.812   0.119   -4.881  1.00 0.00 ? 39 PHE A CD1  1 
ATOM 493 C CD2  . PHE A 1 39 ? 2.941   1.862   -3.189  1.00 0.00 ? 39 PHE A CD2  1 
ATOM 494 C CE1  . PHE A 1 39 ? 1.466   0.110   -4.744  1.00 0.00 ? 39 PHE A CE1  1 
ATOM 495 C CE2  . PHE A 1 39 ? 1.588   1.903   -3.111  1.00 0.00 ? 39 PHE A CE2  1 
ATOM 496 C CZ   . PHE A 1 39 ? 0.847   1.007   -3.859  1.00 0.00 ? 39 PHE A CZ   1 
ATOM 497 H H    . PHE A 1 39 ? 7.282   0.699   -3.851  1.00 0.00 ? 39 PHE A H    1 
ATOM 498 H HA   . PHE A 1 39 ? 5.494   0.736   -6.005  1.00 0.00 ? 39 PHE A HA   1 
ATOM 499 H HB2  . PHE A 1 39 ? 5.160   -0.370  -3.870  1.00 0.00 ? 39 PHE A HB2  1 
ATOM 500 H HB3  . PHE A 1 39 ? 5.306   1.109   -2.971  1.00 0.00 ? 39 PHE A HB3  1 
ATOM 501 H HD1  . PHE A 1 39 ? 3.306   -0.537  -5.585  1.00 0.00 ? 39 PHE A HD1  1 
ATOM 502 H HD2  . PHE A 1 39 ? 3.529   2.547   -2.581  1.00 0.00 ? 39 PHE A HD2  1 
ATOM 503 H HE1  . PHE A 1 39 ? 0.853   -0.580  -5.317  1.00 0.00 ? 39 PHE A HE1  1 
ATOM 504 H HE2  . PHE A 1 39 ? 1.065   2.626   -2.486  1.00 0.00 ? 39 PHE A HE2  1 
ATOM 505 H HZ   . PHE A 1 39 ? -0.207  1.081   -3.801  1.00 0.00 ? 39 PHE A HZ   1 
ATOM 506 N N    . ALA A 1 40 ? 6.146   3.545   -4.471  1.00 0.00 ? 40 ALA A N    1 
ATOM 507 C CA   . ALA A 1 40 ? 6.178   5.003   -4.473  1.00 0.00 ? 40 ALA A CA   1 
ATOM 508 C C    . ALA A 1 40 ? 6.783   5.636   -5.708  1.00 0.00 ? 40 ALA A C    1 
ATOM 509 O O    . ALA A 1 40 ? 6.662   6.814   -5.974  1.00 0.00 ? 40 ALA A O    1 
ATOM 510 C CB   . ALA A 1 40 ? 7.161   5.465   -3.397  1.00 0.00 ? 40 ALA A CB   1 
ATOM 511 H H    . ALA A 1 40 ? 6.661   3.099   -3.739  1.00 0.00 ? 40 ALA A H    1 
ATOM 512 H HA   . ALA A 1 40 ? 5.146   5.327   -4.346  1.00 0.00 ? 40 ALA A HA   1 
ATOM 513 H HB1  . ALA A 1 40 ? 7.184   6.549   -3.287  1.00 0.00 ? 40 ALA A HB1  1 
ATOM 514 H HB2  . ALA A 1 40 ? 8.186   5.162   -3.569  1.00 0.00 ? 40 ALA A HB2  1 
ATOM 515 H HB3  . ALA A 1 40 ? 6.865   5.022   -2.484  1.00 0.00 ? 40 ALA A HB3  1 
ATOM 516 N N    . LYS A 1 41 ? 7.555   4.813   -6.423  1.00 0.00 ? 41 LYS A N    1 
ATOM 517 C CA   . LYS A 1 41 ? 8.084   5.336   -7.673  1.00 0.00 ? 41 LYS A CA   1 
ATOM 518 C C    . LYS A 1 41 ? 6.993   5.403   -8.752  1.00 0.00 ? 41 LYS A C    1 
ATOM 519 O O    . LYS A 1 41 ? 7.239   5.777   -9.897  1.00 0.00 ? 41 LYS A O    1 
ATOM 520 C CB   . LYS A 1 41 ? 9.213   4.430   -8.160  1.00 0.00 ? 41 LYS A CB   1 
ATOM 521 C CG   . LYS A 1 41 ? 10.470  4.645   -7.323  1.00 0.00 ? 41 LYS A CG   1 
ATOM 522 C CD   . LYS A 1 41 ? 11.687  3.890   -7.865  1.00 0.00 ? 41 LYS A CD   1 
ATOM 523 C CE   . LYS A 1 41 ? 11.861  2.617   -7.074  1.00 0.00 ? 41 LYS A CE   1 
ATOM 524 N NZ   . LYS A 1 41 ? 13.062  1.850   -7.344  1.00 0.00 ? 41 LYS A NZ   1 
ATOM 525 H H    . LYS A 1 41 ? 7.654   3.902   -6.033  1.00 0.00 ? 41 LYS A H    1 
ATOM 526 H HA   . LYS A 1 41 ? 8.459   6.346   -7.488  1.00 0.00 ? 41 LYS A HA   1 
ATOM 527 H HB2  . LYS A 1 41 ? 8.894   3.390   -8.145  1.00 0.00 ? 41 LYS A HB2  1 
ATOM 528 H HB3  . LYS A 1 41 ? 9.433   4.671   -9.198  1.00 0.00 ? 41 LYS A HB3  1 
ATOM 529 H HG2  . LYS A 1 41 ? 10.693  5.711   -7.297  1.00 0.00 ? 41 LYS A HG2  1 
ATOM 530 H HG3  . LYS A 1 41 ? 10.263  4.378   -6.284  1.00 0.00 ? 41 LYS A HG3  1 
ATOM 531 H HD2  . LYS A 1 41 ? 11.549  3.668   -8.924  1.00 0.00 ? 41 LYS A HD2  1 
ATOM 532 H HD3  . LYS A 1 41 ? 12.577  4.507   -7.768  1.00 0.00 ? 41 LYS A HD3  1 
ATOM 533 H HE2  . LYS A 1 41 ? 11.842  2.822   -5.999  1.00 0.00 ? 41 LYS A HE2  1 
ATOM 534 H HE3  . LYS A 1 41 ? 11.008  2.021   -7.350  1.00 0.00 ? 41 LYS A HE3  1 
ATOM 535 H HZ1  . LYS A 1 41 ? 13.076  1.006   -6.737  1.00 0.00 ? 41 LYS A HZ1  1 
ATOM 536 H HZ2  . LYS A 1 41 ? 13.862  2.450   -7.065  1.00 0.00 ? 41 LYS A HZ2  1 
ATOM 537 H HZ3  . LYS A 1 41 ? 13.127  1.595   -8.345  1.00 0.00 ? 41 LYS A HZ3  1 
ATOM 538 N N    . ASP A 1 42 ? 5.827   4.877   -8.374  1.00 0.00 ? 42 ASP A N    1 
ATOM 539 C CA   . ASP A 1 42 ? 4.642   4.956   -9.197  1.00 0.00 ? 42 ASP A CA   1 
ATOM 540 C C    . ASP A 1 42 ? 4.840   4.457   -10.617 1.00 0.00 ? 42 ASP A C    1 
ATOM 541 O O    . ASP A 1 42 ? 4.297   4.989   -11.578 1.00 0.00 ? 42 ASP A O    1 
ATOM 542 C CB   . ASP A 1 42 ? 4.130   6.399   -9.242  1.00 0.00 ? 42 ASP A CB   1 
ATOM 543 C CG   . ASP A 1 42 ? 4.074   7.015   -7.846  1.00 0.00 ? 42 ASP A CG   1 
ATOM 544 O OD1  . ASP A 1 42 ? 3.822   6.271   -6.902  1.00 0.00 ? 42 ASP A OD1  1 
ATOM 545 O OD2  . ASP A 1 42 ? 4.316   8.219   -7.757  1.00 0.00 ? 42 ASP A OD2  1 
ATOM 546 H H    . ASP A 1 42 ? 5.613   4.632   -7.421  1.00 0.00 ? 42 ASP A H    1 
ATOM 547 H HA   . ASP A 1 42 ? 3.944   4.289   -8.712  1.00 0.00 ? 42 ASP A HA   1 
ATOM 548 H HB2  . ASP A 1 42 ? 4.820   7.009   -9.822  1.00 0.00 ? 42 ASP A HB2  1 
ATOM 549 H HB3  . ASP A 1 42 ? 3.149   6.475   -9.707  1.00 0.00 ? 42 ASP A HB3  1 
ATOM 550 N N    . PRO A 1 43 ? 5.598   3.346   -10.793 1.00 0.00 ? 43 PRO A N    1 
ATOM 551 C CA   . PRO A 1 43 ? 5.934   2.957   -12.154 1.00 0.00 ? 43 PRO A CA   1 
ATOM 552 C C    . PRO A 1 43 ? 4.650   2.519   -12.881 1.00 0.00 ? 43 PRO A C    1 
ATOM 553 O O    . PRO A 1 43 ? 4.388   2.808   -14.043 1.00 0.00 ? 43 PRO A O    1 
ATOM 554 C CB   . PRO A 1 43 ? 6.897   1.781   -11.942 1.00 0.00 ? 43 PRO A CB   1 
ATOM 555 C CG   . PRO A 1 43 ? 6.555   1.234   -10.557 1.00 0.00 ? 43 PRO A CG   1 
ATOM 556 C CD   . PRO A 1 43 ? 6.036   2.409   -9.756  1.00 0.00 ? 43 PRO A CD   1 
ATOM 557 H HA   . PRO A 1 43 ? 6.406   3.779   -12.695 1.00 0.00 ? 43 PRO A HA   1 
ATOM 558 H HB2  . PRO A 1 43 ? 6.847   1.019   -12.719 1.00 0.00 ? 43 PRO A HB2  1 
ATOM 559 H HB3  . PRO A 1 43 ? 7.917   2.167   -11.915 1.00 0.00 ? 43 PRO A HB3  1 
ATOM 560 H HG2  . PRO A 1 43 ? 5.758   0.504   -10.620 1.00 0.00 ? 43 PRO A HG2  1 
ATOM 561 H HG3  . PRO A 1 43 ? 7.412   0.800   -10.072 1.00 0.00 ? 43 PRO A HG3  1 
ATOM 562 H HD2  . PRO A 1 43 ? 5.217   2.128   -9.093  1.00 0.00 ? 43 PRO A HD2  1 
ATOM 563 H HD3  . PRO A 1 43 ? 6.844   2.809   -9.147  1.00 0.00 ? 43 PRO A HD3  1 
ATOM 564 N N    . ARG A 1 44 ? 3.882   1.761   -12.076 1.00 0.00 ? 44 ARG A N    1 
ATOM 565 C CA   . ARG A 1 44 ? 2.624   1.175   -12.515 1.00 0.00 ? 44 ARG A CA   1 
ATOM 566 C C    . ARG A 1 44 ? 1.617   1.144   -11.385 1.00 0.00 ? 44 ARG A C    1 
ATOM 567 O O    . ARG A 1 44 ? 0.461   0.799   -11.569 1.00 0.00 ? 44 ARG A O    1 
ATOM 568 C CB   . ARG A 1 44 ? 2.829   -0.224  -13.074 1.00 0.00 ? 44 ARG A CB   1 
ATOM 569 C CG   . ARG A 1 44 ? 3.904   -0.243  -14.155 1.00 0.00 ? 44 ARG A CG   1 
ATOM 570 C CD   . ARG A 1 44 ? 3.999   -1.614  -14.793 1.00 0.00 ? 44 ARG A CD   1 
ATOM 571 N NE   . ARG A 1 44 ? 5.139   -1.621  -15.700 1.00 0.00 ? 44 ARG A NE   1 
ATOM 572 C CZ   . ARG A 1 44 ? 5.522   -2.756  -16.318 1.00 0.00 ? 44 ARG A CZ   1 
ATOM 573 N NH1  . ARG A 1 44 ? 4.833   -3.871  -16.072 1.00 0.00 ? 44 ARG A NH1  1 
ATOM 574 N NH2  . ARG A 1 44 ? 6.581   -2.748  -17.129 1.00 0.00 ? 44 ARG A NH2  1 
ATOM 575 H H    . ARG A 1 44 ? 4.241   1.546   -11.166 1.00 0.00 ? 44 ARG A H    1 
ATOM 576 H HA   . ARG A 1 44 ? 2.203   1.822   -13.267 1.00 0.00 ? 44 ARG A HA   1 
ATOM 577 H HB2  . ARG A 1 44 ? 3.095   -0.916  -12.274 1.00 0.00 ? 44 ARG A HB2  1 
ATOM 578 H HB3  . ARG A 1 44 ? 1.883   -0.579  -13.484 1.00 0.00 ? 44 ARG A HB3  1 
ATOM 579 H HG2  . ARG A 1 44 ? 3.679   0.514   -14.909 1.00 0.00 ? 44 ARG A HG2  1 
ATOM 580 H HG3  . ARG A 1 44 ? 4.869   0.013   -13.716 1.00 0.00 ? 44 ARG A HG3  1 
ATOM 581 H HD2  . ARG A 1 44 ? 4.144   -2.371  -14.019 1.00 0.00 ? 44 ARG A HD2  1 
ATOM 582 H HD3  . ARG A 1 44 ? 3.094   -1.832  -15.362 1.00 0.00 ? 44 ARG A HD3  1 
ATOM 583 H HE   . ARG A 1 44 ? 5.534   -0.699  -15.793 1.00 0.00 ? 44 ARG A HE   1 
ATOM 584 H HH11 . ARG A 1 44 ? 4.059   -3.825  -15.426 1.00 0.00 ? 44 ARG A HH11 1 
ATOM 585 H HH12 . ARG A 1 44 ? 5.034   -4.745  -16.517 1.00 0.00 ? 44 ARG A HH12 1 
ATOM 586 H HH21 . ARG A 1 44 ? 7.067   -1.900  -17.350 1.00 0.00 ? 44 ARG A HH21 1 
ATOM 587 H HH22 . ARG A 1 44 ? 6.920   -3.585  -17.566 1.00 0.00 ? 44 ARG A HH22 1 
ATOM 588 N N    . TYR A 1 45 ? 2.149   1.604   -10.229 1.00 0.00 ? 45 TYR A N    1 
ATOM 589 C CA   . TYR A 1 45 ? 1.323   1.768   -9.055  1.00 0.00 ? 45 TYR A CA   1 
ATOM 590 C C    . TYR A 1 45 ? 0.062   2.570   -9.449  1.00 0.00 ? 45 TYR A C    1 
ATOM 591 O O    . TYR A 1 45 ? -1.061  2.266   -9.105  1.00 0.00 ? 45 TYR A O    1 
ATOM 592 C CB   . TYR A 1 45 ? 2.226   2.339   -7.912  1.00 0.00 ? 45 TYR A CB   1 
ATOM 593 C CG   . TYR A 1 45 ? 1.882   3.705   -7.317  1.00 0.00 ? 45 TYR A CG   1 
ATOM 594 C CD1  . TYR A 1 45 ? 1.454   4.786   -8.072  1.00 0.00 ? 45 TYR A CD1  1 
ATOM 595 C CD2  . TYR A 1 45 ? 1.935   3.905   -5.946  1.00 0.00 ? 45 TYR A CD2  1 
ATOM 596 C CE1  . TYR A 1 45 ? 0.829   5.879   -7.506  1.00 0.00 ? 45 TYR A CE1  1 
ATOM 597 C CE2  . TYR A 1 45 ? 1.407   5.045   -5.355  1.00 0.00 ? 45 TYR A CE2  1 
ATOM 598 C CZ   . TYR A 1 45 ? 0.779   5.995   -6.138  1.00 0.00 ? 45 TYR A CZ   1 
ATOM 599 O OH   . TYR A 1 45 ? 0.083   7.045   -5.591  1.00 0.00 ? 45 TYR A OH   1 
ATOM 600 H H    . TYR A 1 45 ? 3.063   1.971   -10.083 1.00 0.00 ? 45 TYR A H    1 
ATOM 601 H HA   . TYR A 1 45 ? 1.013   0.748   -8.817  1.00 0.00 ? 45 TYR A HA   1 
ATOM 602 H HB2  . TYR A 1 45 ? 2.162   1.613   -7.103  1.00 0.00 ? 45 TYR A HB2  1 
ATOM 603 H HB3  . TYR A 1 45 ? 3.278   2.299   -8.167  1.00 0.00 ? 45 TYR A HB3  1 
ATOM 604 H HD1  . TYR A 1 45 ? 1.667   4.867   -9.111  1.00 0.00 ? 45 TYR A HD1  1 
ATOM 605 H HD2  . TYR A 1 45 ? 2.392   3.160   -5.326  1.00 0.00 ? 45 TYR A HD2  1 
ATOM 606 H HE1  . TYR A 1 45 ? 0.377   6.641   -8.122  1.00 0.00 ? 45 TYR A HE1  1 
ATOM 607 H HE2  . TYR A 1 45 ? 1.456   5.182   -4.286  1.00 0.00 ? 45 TYR A HE2  1 
ATOM 608 H HH   . TYR A 1 45 ? 0.653   7.466   -4.956  1.00 0.00 ? 45 TYR A HH   1 
ATOM 609 N N    . GLY A 1 46 ? 0.293   3.571   -10.312 1.00 0.00 ? 46 GLY A N    1 
ATOM 610 C CA   . GLY A 1 46 ? -0.701  4.646   -10.334 1.00 0.00 ? 46 GLY A CA   1 
ATOM 611 C C    . GLY A 1 46 ? -1.964  4.231   -11.051 1.00 0.00 ? 46 GLY A C    1 
ATOM 612 O O    . GLY A 1 46 ? -2.985  4.884   -11.035 1.00 0.00 ? 46 GLY A O    1 
ATOM 613 H H    . GLY A 1 46 ? 1.229   3.782   -10.581 1.00 0.00 ? 46 GLY A H    1 
ATOM 614 H HA2  . GLY A 1 46 ? -0.959  4.916   -9.308  1.00 0.00 ? 46 GLY A HA2  1 
ATOM 615 H HA3  . GLY A 1 46 ? -0.251  5.506   -10.826 1.00 0.00 ? 46 GLY A HA3  1 
ATOM 616 N N    . ARG A 1 47 ? -1.786  3.100   -11.741 1.00 0.00 ? 47 ARG A N    1 
ATOM 617 C CA   . ARG A 1 47 ? -2.901  2.479   -12.400 1.00 0.00 ? 47 ARG A CA   1 
ATOM 618 C C    . ARG A 1 47 ? -3.685  1.564   -11.445 1.00 0.00 ? 47 ARG A C    1 
ATOM 619 O O    . ARG A 1 47 ? -4.869  1.330   -11.625 1.00 0.00 ? 47 ARG A O    1 
ATOM 620 C CB   . ARG A 1 47 ? -2.248  1.665   -13.510 1.00 0.00 ? 47 ARG A CB   1 
ATOM 621 C CG   . ARG A 1 47 ? -1.538  2.599   -14.495 1.00 0.00 ? 47 ARG A CG   1 
ATOM 622 C CD   . ARG A 1 47 ? -0.631  1.836   -15.444 1.00 0.00 ? 47 ARG A CD   1 
ATOM 623 N NE   . ARG A 1 47 ? -0.006  2.778   -16.366 1.00 0.00 ? 47 ARG A NE   1 
ATOM 624 C CZ   . ARG A 1 47 ? 1.081   3.532   -16.059 1.00 0.00 ? 47 ARG A CZ   1 
ATOM 625 N NH1  . ARG A 1 47 ? 1.633   3.462   -14.853 1.00 0.00 ? 47 ARG A NH1  1 
ATOM 626 N NH2  . ARG A 1 47 ? 1.587   4.351   -16.968 1.00 0.00 ? 47 ARG A NH2  1 
ATOM 627 H H    . ARG A 1 47 ? -0.885  2.674   -11.771 1.00 0.00 ? 47 ARG A H    1 
ATOM 628 H HA   . ARG A 1 47 ? -3.564  3.253   -12.795 1.00 0.00 ? 47 ARG A HA   1 
ATOM 629 H HB2  . ARG A 1 47 ? -1.527  0.973   -13.070 1.00 0.00 ? 47 ARG A HB2  1 
ATOM 630 H HB3  . ARG A 1 47 ? -2.989  1.053   -14.022 1.00 0.00 ? 47 ARG A HB3  1 
ATOM 631 H HG2  . ARG A 1 47 ? -2.294  3.162   -15.044 1.00 0.00 ? 47 ARG A HG2  1 
ATOM 632 H HG3  . ARG A 1 47 ? -0.935  3.347   -13.981 1.00 0.00 ? 47 ARG A HG3  1 
ATOM 633 H HD2  . ARG A 1 47 ? 0.136   1.265   -14.920 1.00 0.00 ? 47 ARG A HD2  1 
ATOM 634 H HD3  . ARG A 1 47 ? -1.224  1.140   -16.038 1.00 0.00 ? 47 ARG A HD3  1 
ATOM 635 H HE   . ARG A 1 47 ? -0.501  2.885   -17.228 1.00 0.00 ? 47 ARG A HE   1 
ATOM 636 H HH11 . ARG A 1 47 ? 1.148   2.961   -14.134 1.00 0.00 ? 47 ARG A HH11 1 
ATOM 637 H HH12 . ARG A 1 47 ? 2.518   3.882   -14.608 1.00 0.00 ? 47 ARG A HH12 1 
ATOM 638 H HH21 . ARG A 1 47 ? 1.145   4.451   -17.855 1.00 0.00 ? 47 ARG A HH21 1 
ATOM 639 H HH22 . ARG A 1 47 ? 2.399   4.903   -16.783 1.00 0.00 ? 47 ARG A HH22 1 
ATOM 640 N N    . TYR A 1 48 ? -2.871  0.969   -10.549 1.00 0.00 ? 48 TYR A N    1 
ATOM 641 C CA   . TYR A 1 48 ? -3.370  0.018   -9.574  1.00 0.00 ? 48 TYR A CA   1 
ATOM 642 C C    . TYR A 1 48 ? -3.872  0.749   -8.308  1.00 0.00 ? 48 TYR A C    1 
ATOM 643 O O    . TYR A 1 48 ? -5.053  0.881   -8.027  1.00 0.00 ? 48 TYR A O    1 
ATOM 644 C CB   . TYR A 1 48 ? -2.255  -1.003  -9.224  1.00 0.00 ? 48 TYR A CB   1 
ATOM 645 C CG   . TYR A 1 48 ? -2.776  -1.897  -8.133  1.00 0.00 ? 48 TYR A CG   1 
ATOM 646 C CD1  . TYR A 1 48 ? -3.857  -2.723  -8.405  1.00 0.00 ? 48 TYR A CD1  1 
ATOM 647 C CD2  . TYR A 1 48 ? -2.265  -1.849  -6.838  1.00 0.00 ? 48 TYR A CD2  1 
ATOM 648 C CE1  . TYR A 1 48 ? -4.439  -3.476  -7.398  1.00 0.00 ? 48 TYR A CE1  1 
ATOM 649 C CE2  . TYR A 1 48 ? -2.855  -2.592  -5.826  1.00 0.00 ? 48 TYR A CE2  1 
ATOM 650 C CZ   . TYR A 1 48 ? -3.942  -3.405  -6.105  1.00 0.00 ? 48 TYR A CZ   1 
ATOM 651 O OH   . TYR A 1 48 ? -4.538  -4.146  -5.108  1.00 0.00 ? 48 TYR A OH   1 
ATOM 652 H H    . TYR A 1 48 ? -1.927  1.282   -10.460 1.00 0.00 ? 48 TYR A H    1 
ATOM 653 H HA   . TYR A 1 48 ? -4.222  -0.489  -10.024 1.00 0.00 ? 48 TYR A HA   1 
ATOM 654 H HB2  . TYR A 1 48 ? -1.984  -1.599  -10.093 1.00 0.00 ? 48 TYR A HB2  1 
ATOM 655 H HB3  . TYR A 1 48 ? -1.331  -0.518  -8.897  1.00 0.00 ? 48 TYR A HB3  1 
ATOM 656 H HD1  . TYR A 1 48 ? -4.274  -2.746  -9.397  1.00 0.00 ? 48 TYR A HD1  1 
ATOM 657 H HD2  . TYR A 1 48 ? -1.437  -1.205  -6.585  1.00 0.00 ? 48 TYR A HD2  1 
ATOM 658 H HE1  . TYR A 1 48 ? -5.294  -4.098  -7.606  1.00 0.00 ? 48 TYR A HE1  1 
ATOM 659 H HE2  . TYR A 1 48 ? -2.490  -2.514  -4.814  1.00 0.00 ? 48 TYR A HE2  1 
ATOM 660 H HH   . TYR A 1 48 ? -4.169  -3.876  -4.270  1.00 0.00 ? 48 TYR A HH   1 
ATOM 661 N N    . VAL A 1 49 ? -2.831  1.148   -7.575  1.00 0.00 ? 49 VAL A N    1 
ATOM 662 C CA   . VAL A 1 49 ? -2.827  1.810   -6.292  1.00 0.00 ? 49 VAL A CA   1 
ATOM 663 C C    . VAL A 1 49 ? -3.900  2.812   -6.249  1.00 0.00 ? 49 VAL A C    1 
ATOM 664 O O    . VAL A 1 49 ? -4.852  2.798   -5.492  1.00 0.00 ? 49 VAL A O    1 
ATOM 665 C CB   . VAL A 1 49 ? -1.519  2.594   -6.163  1.00 0.00 ? 49 VAL A CB   1 
ATOM 666 C CG1  . VAL A 1 49 ? -1.511  3.446   -4.871  1.00 0.00 ? 49 VAL A CG1  1 
ATOM 667 C CG2  . VAL A 1 49 ? -0.468  1.547   -6.310  1.00 0.00 ? 49 VAL A CG2  1 
ATOM 668 H H    . VAL A 1 49 ? -1.935  0.968   -7.963  1.00 0.00 ? 49 VAL A H    1 
ATOM 669 H HA   . VAL A 1 49 ? -2.945  1.047   -5.530  1.00 0.00 ? 49 VAL A HA   1 
ATOM 670 H HB   . VAL A 1 49 ? -1.302  3.294   -6.973  1.00 0.00 ? 49 VAL A HB   1 
ATOM 671 H HG11 . VAL A 1 49 ? -0.539  3.810   -4.582  1.00 0.00 ? 49 VAL A HG11 1 
ATOM 672 H HG12 . VAL A 1 49 ? -1.897  2.901   -4.014  1.00 0.00 ? 49 VAL A HG12 1 
ATOM 673 H HG13 . VAL A 1 49 ? -2.131  4.337   -4.997  1.00 0.00 ? 49 VAL A HG13 1 
ATOM 674 H HG21 . VAL A 1 49 ? 0.451   1.991   -6.000  1.00 0.00 ? 49 VAL A HG21 1 
ATOM 675 H HG22 . VAL A 1 49 ? -0.318  1.152   -7.294  1.00 0.00 ? 49 VAL A HG22 1 
ATOM 676 H HG23 . VAL A 1 49 ? -0.768  0.686   -5.728  1.00 0.00 ? 49 VAL A HG23 1 
ATOM 677 N N    . ASN A 1 50 ? -3.601  3.699   -7.198  1.00 0.00 ? 50 ASN A N    1 
ATOM 678 C CA   . ASN A 1 50 ? -4.504  4.736   -7.476  1.00 0.00 ? 50 ASN A CA   1 
ATOM 679 C C    . ASN A 1 50 ? -5.313  4.103   -8.535  1.00 0.00 ? 50 ASN A C    1 
ATOM 680 O O    . ASN A 1 50 ? -5.150  4.208   -9.740  1.00 0.00 ? 50 ASN A O    1 
ATOM 681 C CB   . ASN A 1 50 ? -3.904  6.010   -8.016  1.00 0.00 ? 50 ASN A CB   1 
ATOM 682 C CG   . ASN A 1 50 ? -3.153  6.821   -6.978  1.00 0.00 ? 50 ASN A CG   1 
ATOM 683 O OD1  . ASN A 1 50 ? -2.227  7.526   -7.340  1.00 0.00 ? 50 ASN A OD1  1 
ATOM 684 N ND2  . ASN A 1 50 ? -3.603  6.722   -5.716  1.00 0.00 ? 50 ASN A ND2  1 
ATOM 685 H H    . ASN A 1 50 ? -2.948  3.427   -7.903  1.00 0.00 ? 50 ASN A H    1 
ATOM 686 H HA   . ASN A 1 50 ? -5.106  4.933   -6.588  1.00 0.00 ? 50 ASN A HA   1 
ATOM 687 H HB2  . ASN A 1 50 ? -3.231  5.796   -8.841  1.00 0.00 ? 50 ASN A HB2  1 
ATOM 688 H HB3  . ASN A 1 50 ? -4.705  6.639   -8.397  1.00 0.00 ? 50 ASN A HB3  1 
ATOM 689 H HD21 . ASN A 1 50 ? -4.438  6.231   -5.494  1.00 0.00 ? 50 ASN A HD21 1 
ATOM 690 H HD22 . ASN A 1 50 ? -3.033  7.173   -5.028  1.00 0.00 ? 50 ASN A HD22 1 
ATOM 691 N N    . SER A 1 51 ? -6.330  3.563   -7.941  1.00 0.00 ? 51 SER A N    1 
ATOM 692 C CA   . SER A 1 51 ? -7.513  3.981   -8.586  1.00 0.00 ? 51 SER A CA   1 
ATOM 693 C C    . SER A 1 51 ? -8.521  4.039   -7.508  1.00 0.00 ? 51 SER A C    1 
ATOM 694 O O    . SER A 1 51 ? -8.914  5.082   -7.033  1.00 0.00 ? 51 SER A O    1 
ATOM 695 C CB   . SER A 1 51 ? -7.848  3.007   -9.725  1.00 0.00 ? 51 SER A CB   1 
ATOM 696 O OG   . SER A 1 51 ? -7.523  3.471   -11.007 1.00 0.00 ? 51 SER A OG   1 
ATOM 697 H H    . SER A 1 51 ? -6.232  3.173   -7.018  1.00 0.00 ? 51 SER A H    1 
ATOM 698 H HA   . SER A 1 51 ? -7.426  5.026   -8.918  1.00 0.00 ? 51 SER A HA   1 
ATOM 699 H HB2  . SER A 1 51 ? -7.255  2.101   -9.587  1.00 0.00 ? 51 SER A HB2  1 
ATOM 700 H HB3  . SER A 1 51 ? -8.904  2.747   -9.730  1.00 0.00 ? 51 SER A HB3  1 
ATOM 701 H HG   . SER A 1 51 ? -6.588  3.241   -11.096 1.00 0.00 ? 51 SER A HG   1 
ATOM 702 N N    . PRO A 1 52 ? -9.107  2.907   -7.169  1.00 0.00 ? 52 PRO A N    1 
ATOM 703 C CA   . PRO A 1 52 ? -10.523 3.031   -6.982  1.00 0.00 ? 52 PRO A CA   1 
ATOM 704 C C    . PRO A 1 52 ? -10.856 3.653   -5.632  1.00 0.00 ? 52 PRO A C    1 
ATOM 705 O O    . PRO A 1 52 ? -11.882 4.296   -5.464  1.00 0.00 ? 52 PRO A O    1 
ATOM 706 C CB   . PRO A 1 52 ? -11.003 1.611   -7.160  1.00 0.00 ? 52 PRO A CB   1 
ATOM 707 C CG   . PRO A 1 52 ? -9.803  0.737   -6.761  1.00 0.00 ? 52 PRO A CG   1 
ATOM 708 C CD   . PRO A 1 52 ? -8.564  1.559   -7.098  1.00 0.00 ? 52 PRO A CD   1 
ATOM 709 H HA   . PRO A 1 52 ? -10.938 3.660   -7.769  1.00 0.00 ? 52 PRO A HA   1 
ATOM 710 H HB2  . PRO A 1 52 ? -11.918 1.403   -6.613  1.00 0.00 ? 52 PRO A HB2  1 
ATOM 711 H HB3  . PRO A 1 52 ? -11.195 1.482   -8.227  1.00 0.00 ? 52 PRO A HB3  1 
ATOM 712 H HG2  . PRO A 1 52 ? -9.817  0.543   -5.690  1.00 0.00 ? 52 PRO A HG2  1 
ATOM 713 H HG3  . PRO A 1 52 ? -9.797  -0.214  -7.290  1.00 0.00 ? 52 PRO A HG3  1 
ATOM 714 H HD2  . PRO A 1 52 ? -7.769  1.488   -6.351  1.00 0.00 ? 52 PRO A HD2  1 
ATOM 715 H HD3  . PRO A 1 52 ? -8.159  1.220   -8.044  1.00 0.00 ? 52 PRO A HD3  1 
ATOM 716 N N    . ASN A 1 53 ? -9.927  3.495   -4.707  1.00 0.00 ? 53 ASN A N    1 
ATOM 717 C CA   . ASN A 1 53 ? -10.280 3.872   -3.358  1.00 0.00 ? 53 ASN A CA   1 
ATOM 718 C C    . ASN A 1 53 ? -9.172  4.653   -2.755  1.00 0.00 ? 53 ASN A C    1 
ATOM 719 O O    . ASN A 1 53 ? -9.465  5.605   -2.053  1.00 0.00 ? 53 ASN A O    1 
ATOM 720 C CB   . ASN A 1 53 ? -10.507 2.633   -2.557  1.00 0.00 ? 53 ASN A CB   1 
ATOM 721 C CG   . ASN A 1 53 ? -11.894 2.053   -2.796  1.00 0.00 ? 53 ASN A CG   1 
ATOM 722 O OD1  . ASN A 1 53 ? -12.927 2.684   -2.579  1.00 0.00 ? 53 ASN A OD1  1 
ATOM 723 N ND2  . ASN A 1 53 ? -11.854 0.814   -3.306  1.00 0.00 ? 53 ASN A ND2  1 
ATOM 724 H H    . ASN A 1 53 ? -9.060  3.032   -4.910  1.00 0.00 ? 53 ASN A H    1 
ATOM 725 H HA   . ASN A 1 53 ? -11.150 4.528   -3.324  1.00 0.00 ? 53 ASN A HA   1 
ATOM 726 H HB2  . ASN A 1 53 ? -9.761  1.949   -2.917  1.00 0.00 ? 53 ASN A HB2  1 
ATOM 727 H HB3  . ASN A 1 53 ? -10.359 2.831   -1.502  1.00 0.00 ? 53 ASN A HB3  1 
ATOM 728 H HD21 . ASN A 1 53 ? -10.958 0.394   -3.464  1.00 0.00 ? 53 ASN A HD21 1 
ATOM 729 H HD22 . ASN A 1 53 ? -12.695 0.308   -3.468  1.00 0.00 ? 53 ASN A HD22 1 
ATOM 730 N N    . ALA A 1 54 ? -7.937  4.301   -3.148  1.00 0.00 ? 54 ALA A N    1 
ATOM 731 C CA   . ALA A 1 54 ? -6.804  5.126   -2.776  1.00 0.00 ? 54 ALA A CA   1 
ATOM 732 C C    . ALA A 1 54 ? -7.160  6.626   -2.916  1.00 0.00 ? 54 ALA A C    1 
ATOM 733 O O    . ALA A 1 54 ? -7.075  7.393   -1.972  1.00 0.00 ? 54 ALA A O    1 
ATOM 734 C CB   . ALA A 1 54 ? -5.609  4.666   -3.599  1.00 0.00 ? 54 ALA A CB   1 
ATOM 735 H H    . ALA A 1 54 ? -7.675  3.412   -3.533  1.00 0.00 ? 54 ALA A H    1 
ATOM 736 H HA   . ALA A 1 54 ? -6.633  4.882   -1.736  1.00 0.00 ? 54 ALA A HA   1 
ATOM 737 H HB1  . ALA A 1 54 ? -4.677  5.180   -3.394  1.00 0.00 ? 54 ALA A HB1  1 
ATOM 738 H HB2  . ALA A 1 54 ? -5.830  4.756   -4.654  1.00 0.00 ? 54 ALA A HB2  1 
ATOM 739 H HB3  . ALA A 1 54 ? -5.404  3.619   -3.372  1.00 0.00 ? 54 ALA A HB3  1 
ATOM 740 N N    . ARG A 1 55 ? -7.753  6.944   -4.089  1.00 0.00 ? 55 ARG A N    1 
ATOM 741 C CA   . ARG A 1 55 ? -8.236  8.300   -4.388  1.00 0.00 ? 55 ARG A CA   1 
ATOM 742 C C    . ARG A 1 55 ? -8.764  9.097   -3.169  1.00 0.00 ? 55 ARG A C    1 
ATOM 743 O O    . ARG A 1 55 ? -8.484  10.274  -2.984  1.00 0.00 ? 55 ARG A O    1 
ATOM 744 C CB   . ARG A 1 55 ? -9.402  8.224   -5.391  1.00 0.00 ? 55 ARG A CB   1 
ATOM 745 C CG   . ARG A 1 55 ? -8.946  7.831   -6.790  1.00 0.00 ? 55 ARG A CG   1 
ATOM 746 C CD   . ARG A 1 55 ? -10.114 7.545   -7.776  1.00 0.00 ? 55 ARG A CD   1 
ATOM 747 N NE   . ARG A 1 55 ? -11.093 6.552   -7.305  1.00 0.00 ? 55 ARG A NE   1 
ATOM 748 C CZ   . ARG A 1 55 ? -12.154 6.123   -8.039  1.00 0.00 ? 55 ARG A CZ   1 
ATOM 749 N NH1  . ARG A 1 55 ? -12.430 6.715   -9.192  1.00 0.00 ? 55 ARG A NH1  1 
ATOM 750 N NH2  . ARG A 1 55 ? -12.933 5.118   -7.643  1.00 0.00 ? 55 ARG A NH2  1 
ATOM 751 H H    . ARG A 1 55 ? -7.713  6.224   -4.784  1.00 0.00 ? 55 ARG A H    1 
ATOM 752 H HA   . ARG A 1 55 ? -7.376  8.824   -4.805  1.00 0.00 ? 55 ARG A HA   1 
ATOM 753 H HB2  . ARG A 1 55 ? -10.158 7.531   -5.019  1.00 0.00 ? 55 ARG A HB2  1 
ATOM 754 H HB3  . ARG A 1 55 ? -9.888  9.196   -5.471  1.00 0.00 ? 55 ARG A HB3  1 
ATOM 755 H HG2  . ARG A 1 55 ? -8.319  8.621   -7.196  1.00 0.00 ? 55 ARG A HG2  1 
ATOM 756 H HG3  . ARG A 1 55 ? -8.216  7.036   -6.686  1.00 0.00 ? 55 ARG A HG3  1 
ATOM 757 H HD2  . ARG A 1 55 ? -10.664 8.465   -7.963  1.00 0.00 ? 55 ARG A HD2  1 
ATOM 758 H HD3  . ARG A 1 55 ? -9.709  7.164   -8.713  1.00 0.00 ? 55 ARG A HD3  1 
ATOM 759 H HE   . ARG A 1 55 ? -10.827 6.085   -6.461  1.00 0.00 ? 55 ARG A HE   1 
ATOM 760 H HH11 . ARG A 1 55 ? -11.834 7.455   -9.499  1.00 0.00 ? 55 ARG A HH11 1 
ATOM 761 H HH12 . ARG A 1 55 ? -13.202 6.432   -9.756  1.00 0.00 ? 55 ARG A HH12 1 
ATOM 762 H HH21 . ARG A 1 55 ? -12.793 4.742   -6.725  1.00 0.00 ? 55 ARG A HH21 1 
ATOM 763 H HH22 . ARG A 1 55 ? -13.630 4.678   -8.202  1.00 0.00 ? 55 ARG A HH22 1 
ATOM 764 N N    . LYS A 1 56 ? -9.634  8.387   -2.420  1.00 0.00 ? 56 LYS A N    1 
ATOM 765 C CA   . LYS A 1 56 ? -10.284 8.979   -1.252  1.00 0.00 ? 56 LYS A CA   1 
ATOM 766 C C    . LYS A 1 56 ? -9.849  8.368   0.074   1.00 0.00 ? 56 LYS A C    1 
ATOM 767 O O    . LYS A 1 56 ? -10.287 8.790   1.140   1.00 0.00 ? 56 LYS A O    1 
ATOM 768 C CB   . LYS A 1 56 ? -11.785 8.769   -1.369  1.00 0.00 ? 56 LYS A CB   1 
ATOM 769 C CG   . LYS A 1 56 ? -12.324 9.619   -2.502  1.00 0.00 ? 56 LYS A CG   1 
ATOM 770 C CD   . LYS A 1 56 ? -13.836 9.613   -2.491  1.00 0.00 ? 56 LYS A CD   1 
ATOM 771 C CE   . LYS A 1 56 ? -14.351 10.485  -3.619  1.00 0.00 ? 56 LYS A CE   1 
ATOM 772 N NZ   . LYS A 1 56 ? -15.804 10.539  -3.581  1.00 0.00 ? 56 LYS A NZ   1 
ATOM 773 H H    . LYS A 1 56 ? -9.743  7.412   -2.620  1.00 0.00 ? 56 LYS A H    1 
ATOM 774 H HA   . LYS A 1 56 ? -10.042 10.041  -1.210  1.00 0.00 ? 56 LYS A HA   1 
ATOM 775 H HB2  . LYS A 1 56 ? -12.016 7.713   -1.531  1.00 0.00 ? 56 LYS A HB2  1 
ATOM 776 H HB3  . LYS A 1 56 ? -12.273 9.059   -0.437  1.00 0.00 ? 56 LYS A HB3  1 
ATOM 777 H HG2  . LYS A 1 56 ? -11.954 10.640  -2.385  1.00 0.00 ? 56 LYS A HG2  1 
ATOM 778 H HG3  . LYS A 1 56 ? -11.939 9.259   -3.457  1.00 0.00 ? 56 LYS A HG3  1 
ATOM 779 H HD2  . LYS A 1 56 ? -14.193 8.587   -2.591  1.00 0.00 ? 56 LYS A HD2  1 
ATOM 780 H HD3  . LYS A 1 56 ? -14.185 9.986   -1.527  1.00 0.00 ? 56 LYS A HD3  1 
ATOM 781 H HE2  . LYS A 1 56 ? -13.951 11.498  -3.526  1.00 0.00 ? 56 LYS A HE2  1 
ATOM 782 H HE3  . LYS A 1 56 ? -14.026 10.086  -4.583  1.00 0.00 ? 56 LYS A HE3  1 
ATOM 783 H HZ1  . LYS A 1 56 ? -16.161 11.124  -4.360  1.00 0.00 ? 56 LYS A HZ1  1 
ATOM 784 H HZ2  . LYS A 1 56 ? -16.108 10.941  -2.668  1.00 0.00 ? 56 LYS A HZ2  1 
ATOM 785 H HZ3  . LYS A 1 56 ? -16.171 9.569   -3.671  1.00 0.00 ? 56 LYS A HZ3  1 
ATOM 786 N N    . ALA A 1 57 ? -9.021  7.342   -0.046  1.00 0.00 ? 57 ALA A N    1 
ATOM 787 C CA   . ALA A 1 57 ? -8.595  6.575   1.086   1.00 0.00 ? 57 ALA A CA   1 
ATOM 788 C C    . ALA A 1 57 ? -7.323  5.866   0.656   1.00 0.00 ? 57 ALA A C    1 
ATOM 789 O O    . ALA A 1 57 ? -7.314  4.656   0.507   1.00 0.00 ? 57 ALA A O    1 
ATOM 790 C CB   . ALA A 1 57 ? -9.682  5.552   1.438   1.00 0.00 ? 57 ALA A CB   1 
ATOM 791 H H    . ALA A 1 57 ? -8.684  7.050   -0.946  1.00 0.00 ? 57 ALA A H    1 
ATOM 792 H HA   . ALA A 1 57 ? -8.386  7.257   1.913   1.00 0.00 ? 57 ALA A HA   1 
ATOM 793 H HB1  . ALA A 1 57 ? -9.396  4.989   2.326   1.00 0.00 ? 57 ALA A HB1  1 
ATOM 794 H HB2  . ALA A 1 57 ? -9.818  4.846   0.614   1.00 0.00 ? 57 ALA A HB2  1 
ATOM 795 H HB3  . ALA A 1 57 ? -10.644 6.027   1.626   1.00 0.00 ? 57 ALA A HB3  1 
ATOM 796 N N    . VAL A 1 58 ? -6.266  6.689   0.500   1.00 0.00 ? 58 VAL A N    1 
ATOM 797 C CA   . VAL A 1 58 ? -4.945  6.099   0.248   1.00 0.00 ? 58 VAL A CA   1 
ATOM 798 C C    . VAL A 1 58 ? -4.519  5.258   1.466   1.00 0.00 ? 58 VAL A C    1 
ATOM 799 O O    . VAL A 1 58 ? -3.713  4.346   1.376   1.00 0.00 ? 58 VAL A O    1 
ATOM 800 C CB   . VAL A 1 58 ? -3.934  7.187   -0.201  1.00 0.00 ? 58 VAL A CB   1 
ATOM 801 C CG1  . VAL A 1 58 ? -2.495  6.685   -0.154  1.00 0.00 ? 58 VAL A CG1  1 
ATOM 802 C CG2  . VAL A 1 58 ? -4.175  7.632   -1.644  1.00 0.00 ? 58 VAL A CG2  1 
ATOM 803 H H    . VAL A 1 58 ? -6.341  7.683   0.524   1.00 0.00 ? 58 VAL A H    1 
ATOM 804 H HA   . VAL A 1 58 ? -5.046  5.375   -0.556  1.00 0.00 ? 58 VAL A HA   1 
ATOM 805 H HB   . VAL A 1 58 ? -4.013  8.054   0.454   1.00 0.00 ? 58 VAL A HB   1 
ATOM 806 H HG11 . VAL A 1 58 ? -1.783  7.417   -0.534  1.00 0.00 ? 58 VAL A HG11 1 
ATOM 807 H HG12 . VAL A 1 58 ? -2.368  5.747   -0.694  1.00 0.00 ? 58 VAL A HG12 1 
ATOM 808 H HG13 . VAL A 1 58 ? -2.225  6.481   0.862   1.00 0.00 ? 58 VAL A HG13 1 
ATOM 809 H HG21 . VAL A 1 58 ? -3.344  8.218   -2.032  1.00 0.00 ? 58 VAL A HG21 1 
ATOM 810 H HG22 . VAL A 1 58 ? -5.060  8.242   -1.756  1.00 0.00 ? 58 VAL A HG22 1 
ATOM 811 H HG23 . VAL A 1 58 ? -4.244  6.756   -2.274  1.00 0.00 ? 58 VAL A HG23 1 
ATOM 812 N N    . SER A 1 59 ? -5.200  5.609   2.577   1.00 0.00 ? 59 SER A N    1 
ATOM 813 C CA   . SER A 1 59 ? -5.201  4.970   3.866   1.00 0.00 ? 59 SER A CA   1 
ATOM 814 C C    . SER A 1 59 ? -4.527  5.922   4.822   1.00 0.00 ? 59 SER A C    1 
ATOM 815 O O    . SER A 1 59 ? -5.066  6.957   5.181   1.00 0.00 ? 59 SER A O    1 
ATOM 816 C CB   . SER A 1 59 ? -4.707  3.511   3.938   1.00 0.00 ? 59 SER A CB   1 
ATOM 817 O OG   . SER A 1 59 ? -5.767  2.678   4.272   1.00 0.00 ? 59 SER A OG   1 
ATOM 818 H H    . SER A 1 59 ? -5.658  6.485   2.559   1.00 0.00 ? 59 SER A H    1 
ATOM 819 H HA   . SER A 1 59 ? -6.242  4.974   4.175   1.00 0.00 ? 59 SER A HA   1 
ATOM 820 H HB2  . SER A 1 59 ? -4.189  3.131   3.061   1.00 0.00 ? 59 SER A HB2  1 
ATOM 821 H HB3  . SER A 1 59 ? -4.034  3.297   4.747   1.00 0.00 ? 59 SER A HB3  1 
ATOM 822 H HG   . SER A 1 59 ? -5.373  1.825   4.197   1.00 0.00 ? 59 SER A HG   1 
ATOM 823 N N    . SER A 1 60 ? -3.371  5.436   5.237   1.00 0.00 ? 60 SER A N    1 
ATOM 824 C CA   . SER A 1 60 ? -2.799  5.416   6.560   1.00 0.00 ? 60 SER A CA   1 
ATOM 825 C C    . SER A 1 60 ? -3.008  4.026   7.244   1.00 0.00 ? 60 SER A C    1 
ATOM 826 O O    . SER A 1 60 ? -3.516  3.968   8.359   1.00 0.00 ? 60 SER A O    1 
ATOM 827 C CB   . SER A 1 60 ? -3.411  6.516   7.410   1.00 0.00 ? 60 SER A CB   1 
ATOM 828 O OG   . SER A 1 60 ? -2.656  6.714   8.579   1.00 0.00 ? 60 SER A OG   1 
ATOM 829 H H    . SER A 1 60 ? -2.910  5.103   4.418   1.00 0.00 ? 60 SER A H    1 
ATOM 830 H HA   . SER A 1 60 ? -1.740  5.638   6.436   1.00 0.00 ? 60 SER A HA   1 
ATOM 831 H HB2  . SER A 1 60 ? -3.437  7.455   6.859   1.00 0.00 ? 60 SER A HB2  1 
ATOM 832 H HB3  . SER A 1 60 ? -4.436  6.247   7.671   1.00 0.00 ? 60 SER A HB3  1 
ATOM 833 H HG   . SER A 1 60 ? -3.273  6.612   9.292   1.00 0.00 ? 60 SER A HG   1 
ATOM 834 N N    . CYS A 1 61 ? -2.555  2.918   6.592   1.00 0.00 ? 61 CYS A N    1 
ATOM 835 C CA   . CYS A 1 61 ? -2.265  1.681   7.316   1.00 0.00 ? 61 CYS A CA   1 
ATOM 836 C C    . CYS A 1 61 ? -1.273  2.006   8.441   1.00 0.00 ? 61 CYS A C    1 
ATOM 837 O O    . CYS A 1 61 ? -1.216  1.350   9.471   1.00 0.00 ? 61 CYS A O    1 
ATOM 838 C CB   . CYS A 1 61 ? -1.693  0.665   6.304   1.00 0.00 ? 61 CYS A CB   1 
ATOM 839 S SG   . CYS A 1 61 ? -1.415  -1.070  6.759   1.00 0.00 ? 61 CYS A SG   1 
ATOM 840 H H    . CYS A 1 61 ? -2.320  2.848   5.630   1.00 0.00 ? 61 CYS A H    1 
ATOM 841 H HA   . CYS A 1 61 ? -3.197  1.325   7.752   1.00 0.00 ? 61 CYS A HA   1 
ATOM 842 H HB2  . CYS A 1 61 ? -2.402  0.605   5.481   1.00 0.00 ? 61 CYS A HB2  1 
ATOM 843 H HB3  . CYS A 1 61 ? -0.775  1.050   5.857   1.00 0.00 ? 61 CYS A HB3  1 
ATOM 844 N N    . GLY A 1 62 ? -0.494  3.078   8.174   1.00 0.00 ? 62 GLY A N    1 
ATOM 845 C CA   . GLY A 1 62 ? 0.330   3.725   9.192   1.00 0.00 ? 62 GLY A CA   1 
ATOM 846 C C    . GLY A 1 62 ? 1.768   3.279   9.079   1.00 0.00 ? 62 GLY A C    1 
ATOM 847 O O    . GLY A 1 62 ? 2.697   3.862   9.624   1.00 0.00 ? 62 GLY A O    1 
ATOM 848 H H    . GLY A 1 62 ? -0.540  3.472   7.256   1.00 0.00 ? 62 GLY A H    1 
ATOM 849 H HA2  . GLY A 1 62 ? 0.285   4.797   8.998   1.00 0.00 ? 62 GLY A HA2  1 
ATOM 850 H HA3  . GLY A 1 62 ? -0.052  3.496   10.185  1.00 0.00 ? 62 GLY A HA3  1 
ATOM 851 N N    . ILE A 1 63 ? 1.854   2.233   8.260   1.00 0.00 ? 63 ILE A N    1 
ATOM 852 C CA   . ILE A 1 63 ? 3.121   1.845   7.719   1.00 0.00 ? 63 ILE A CA   1 
ATOM 853 C C    . ILE A 1 63 ? 3.407   2.543   6.474   1.00 0.00 ? 63 ILE A C    1 
ATOM 854 O O    . ILE A 1 63 ? 4.489   2.460   5.951   1.00 0.00 ? 63 ILE A O    1 
ATOM 855 C CB   . ILE A 1 63 ? 3.016   0.398   7.457   1.00 0.00 ? 63 ILE A CB   1 
ATOM 856 C CG1  . ILE A 1 63 ? 2.742   -0.234  8.811   1.00 0.00 ? 63 ILE A CG1  1 
ATOM 857 C CG2  . ILE A 1 63 ? 4.291   -0.094  6.823   1.00 0.00 ? 63 ILE A CG2  1 
ATOM 858 C CD1  . ILE A 1 63 ? 3.364   0.428   10.040  1.00 0.00 ? 63 ILE A CD1  1 
ATOM 859 H H    . ILE A 1 63 ? 1.073   1.656   8.025   1.00 0.00 ? 63 ILE A H    1 
ATOM 860 H HA   . ILE A 1 63 ? 3.939   2.116   8.384   1.00 0.00 ? 63 ILE A HA   1 
ATOM 861 H HB   . ILE A 1 63 ? 2.203   0.150   6.765   1.00 0.00 ? 63 ILE A HB   1 
ATOM 862 H HG12 . ILE A 1 63 ? 1.676   -0.368  8.939   1.00 0.00 ? 63 ILE A HG12 1 
ATOM 863 H HG13 . ILE A 1 63 ? 3.231   -1.172  8.771   1.00 0.00 ? 63 ILE A HG13 1 
ATOM 864 H HG21 . ILE A 1 63 ? 4.126   -1.130  6.824   1.00 0.00 ? 63 ILE A HG21 1 
ATOM 865 H HG22 . ILE A 1 63 ? 5.140   0.206   7.426   1.00 0.00 ? 63 ILE A HG22 1 
ATOM 866 H HG23 . ILE A 1 63 ? 4.469   0.179   5.783   1.00 0.00 ? 63 ILE A HG23 1 
ATOM 867 H HD11 . ILE A 1 63 ? 3.260   -0.242  10.889  1.00 0.00 ? 63 ILE A HD11 1 
ATOM 868 H HD12 . ILE A 1 63 ? 2.919   1.370   10.337  1.00 0.00 ? 63 ILE A HD12 1 
ATOM 869 H HD13 . ILE A 1 63 ? 4.415   0.626   9.838   1.00 0.00 ? 63 ILE A HD13 1 
ATOM 870 N N    . ALA A 1 64 ? 2.386   3.277   6.131   1.00 0.00 ? 64 ALA A N    1 
ATOM 871 C CA   . ALA A 1 64 ? 2.556   4.691   5.949   1.00 0.00 ? 64 ALA A CA   1 
ATOM 872 C C    . ALA A 1 64 ? 1.685   5.085   4.821   1.00 0.00 ? 64 ALA A C    1 
ATOM 873 O O    . ALA A 1 64 ? 1.268   6.229   4.749   1.00 0.00 ? 64 ALA A O    1 
ATOM 874 C CB   . ALA A 1 64 ? 3.987   5.216   5.699   1.00 0.00 ? 64 ALA A CB   1 
ATOM 875 H H    . ALA A 1 64 ? 1.463   2.916   6.227   1.00 0.00 ? 64 ALA A H    1 
ATOM 876 H HA   . ALA A 1 64 ? 2.126   5.123   6.848   1.00 0.00 ? 64 ALA A HA   1 
ATOM 877 H HB1  . ALA A 1 64 ? 4.004   5.982   4.928   1.00 0.00 ? 64 ALA A HB1  1 
ATOM 878 H HB2  . ALA A 1 64 ? 4.707   4.497   5.332   1.00 0.00 ? 64 ALA A HB2  1 
ATOM 879 H HB3  . ALA A 1 64 ? 4.393   5.637   6.612   1.00 0.00 ? 64 ALA A HB3  1 
ATOM 880 N N    . LEU A 1 65 ? 1.443   4.032   4.019   1.00 0.00 ? 65 LEU A N    1 
ATOM 881 C CA   . LEU A 1 65 ? 1.250   4.084   2.605   1.00 0.00 ? 65 LEU A CA   1 
ATOM 882 C C    . LEU A 1 65 ? 2.679   4.255   2.241   1.00 0.00 ? 65 LEU A C    1 
ATOM 883 O O    . LEU A 1 65 ? 3.082   5.350   1.887   1.00 0.00 ? 65 LEU A O    1 
ATOM 884 C CB   . LEU A 1 65 ? 0.330   5.212   2.259   1.00 0.00 ? 65 LEU A CB   1 
ATOM 885 C CG   . LEU A 1 65 ? -1.040  4.952   2.891   1.00 0.00 ? 65 LEU A CG   1 
ATOM 886 C CD1  . LEU A 1 65 ? -1.146  3.997   4.116   1.00 0.00 ? 65 LEU A CD1  1 
ATOM 887 C CD2  . LEU A 1 65 ? -1.631  6.341   3.159   1.00 0.00 ? 65 LEU A CD2  1 
ATOM 888 H H    . LEU A 1 65 ? 1.659   3.099   4.261   1.00 0.00 ? 65 LEU A H    1 
ATOM 889 H HA   . LEU A 1 65 ? 0.835   3.146   2.238   1.00 0.00 ? 65 LEU A HA   1 
ATOM 890 H HB2  . LEU A 1 65 ? 0.761   6.159   2.582   1.00 0.00 ? 65 LEU A HB2  1 
ATOM 891 H HB3  . LEU A 1 65 ? 0.228   5.331   1.181   1.00 0.00 ? 65 LEU A HB3  1 
ATOM 892 H HG   . LEU A 1 65 ? -1.577  4.421   2.112   1.00 0.00 ? 65 LEU A HG   1 
ATOM 893 H HD11 . LEU A 1 65 ? -2.149  3.644   4.188   1.00 0.00 ? 65 LEU A HD11 1 
ATOM 894 H HD12 . LEU A 1 65 ? -0.827  4.480   5.040   1.00 0.00 ? 65 LEU A HD12 1 
ATOM 895 H HD13 . LEU A 1 65 ? -0.633  3.037   4.056   1.00 0.00 ? 65 LEU A HD13 1 
ATOM 896 H HD21 . LEU A 1 65 ? -2.698  6.348   2.981   1.00 0.00 ? 65 LEU A HD21 1 
ATOM 897 H HD22 . LEU A 1 65 ? -1.207  7.090   2.491   1.00 0.00 ? 65 LEU A HD22 1 
ATOM 898 H HD23 . LEU A 1 65 ? -1.409  6.702   4.161   1.00 0.00 ? 65 LEU A HD23 1 
ATOM 899 N N    . PRO A 1 66 ? 3.420   3.134   2.528   1.00 0.00 ? 66 PRO A N    1 
ATOM 900 C CA   . PRO A 1 66 ? 4.877   3.114   2.695   1.00 0.00 ? 66 PRO A CA   1 
ATOM 901 C C    . PRO A 1 66 ? 5.671   3.377   1.441   1.00 0.00 ? 66 PRO A C    1 
ATOM 902 O O    . PRO A 1 66 ? 6.791   2.906   1.254   1.00 0.00 ? 66 PRO A O    1 
ATOM 903 C CB   . PRO A 1 66 ? 5.227   1.703   3.169   1.00 0.00 ? 66 PRO A CB   1 
ATOM 904 C CG   . PRO A 1 66 ? 4.018   0.904   2.747   1.00 0.00 ? 66 PRO A CG   1 
ATOM 905 C CD   . PRO A 1 66 ? 2.830   1.808   2.782   1.00 0.00 ? 66 PRO A CD   1 
ATOM 906 H HA   . PRO A 1 66 ? 5.173   3.870   3.419   1.00 0.00 ? 66 PRO A HA   1 
ATOM 907 H HB2  . PRO A 1 66 ? 6.144   1.286   2.768   1.00 0.00 ? 66 PRO A HB2  1 
ATOM 908 H HB3  . PRO A 1 66 ? 5.389   1.666   4.223   1.00 0.00 ? 66 PRO A HB3  1 
ATOM 909 H HG2  . PRO A 1 66 ? 4.125   0.832   1.688   1.00 0.00 ? 66 PRO A HG2  1 
ATOM 910 H HG3  . PRO A 1 66 ? 3.887   -0.074  3.208   1.00 0.00 ? 66 PRO A HG3  1 
ATOM 911 H HD2  . PRO A 1 66 ? 2.110   1.515   2.014   1.00 0.00 ? 66 PRO A HD2  1 
ATOM 912 H HD3  . PRO A 1 66 ? 2.381   1.712   3.762   1.00 0.00 ? 66 PRO A HD3  1 
ATOM 913 N N    . THR A 1 67 ? 5.048   4.162   0.584   1.00 0.00 ? 67 THR A N    1 
ATOM 914 C CA   . THR A 1 67 ? 5.736   4.897   -0.396  1.00 0.00 ? 67 THR A CA   1 
ATOM 915 C C    . THR A 1 67 ? 6.994   5.487   0.288   1.00 0.00 ? 67 THR A C    1 
ATOM 916 O O    . THR A 1 67 ? 6.943   5.878   1.437   1.00 0.00 ? 67 THR A O    1 
ATOM 917 C CB   . THR A 1 67 ? 4.664   5.915   -0.855  1.00 0.00 ? 67 THR A CB   1 
ATOM 918 O OG1  . THR A 1 67 ? 3.712   5.154   -1.542  1.00 0.00 ? 67 THR A OG1  1 
ATOM 919 C CG2  . THR A 1 67 ? 5.124   7.010   -1.803  1.00 0.00 ? 67 THR A CG2  1 
ATOM 920 H H    . THR A 1 67 ? 4.168   4.560   0.761   1.00 0.00 ? 67 THR A H    1 
ATOM 921 H HA   . THR A 1 67 ? 5.948   4.106   -1.106  1.00 0.00 ? 67 THR A HA   1 
ATOM 922 H HB   . THR A 1 67 ? 4.160   6.386   -0.006  1.00 0.00 ? 67 THR A HB   1 
ATOM 923 H HG1  . THR A 1 67 ? 2.872   5.611   -1.497  1.00 0.00 ? 67 THR A HG1  1 
ATOM 924 H HG21 . THR A 1 67 ? 4.464   7.876   -1.779  1.00 0.00 ? 67 THR A HG21 1 
ATOM 925 H HG22 . THR A 1 67 ? 5.075   6.659   -2.824  1.00 0.00 ? 67 THR A HG22 1 
ATOM 926 H HG23 . THR A 1 67 ? 6.136   7.342   -1.578  1.00 0.00 ? 67 THR A HG23 1 
ATOM 927 N N    . CYS A 1 68 ? 8.115   5.506   -0.406  1.00 0.00 ? 68 CYS A N    1 
ATOM 928 C CA   . CYS A 1 68 ? 9.382   5.983   0.171   1.00 0.00 ? 68 CYS A CA   1 
ATOM 929 C C    . CYS A 1 68 ? 9.547   7.475   0.061   1.00 0.00 ? 68 CYS A C    1 
ATOM 930 O O    . CYS A 1 68 ? 10.586  8.012   -0.326  1.00 0.00 ? 68 CYS A O    1 
ATOM 931 C CB   . CYS A 1 68 ? 10.389  5.356   -0.725  1.00 0.00 ? 68 CYS A CB   1 
ATOM 932 S SG   . CYS A 1 68 ? 12.165  5.448   -0.674  1.00 0.00 ? 68 CYS A SG   1 
ATOM 933 H H    . CYS A 1 68 ? 8.093   5.047   -1.287  1.00 0.00 ? 68 CYS A H    1 
ATOM 934 H HA   . CYS A 1 68 ? 9.463   5.641   1.206   1.00 0.00 ? 68 CYS A HA   1 
ATOM 935 H HB2  . CYS A 1 68 ? 10.212  4.366   -0.361  1.00 0.00 ? 68 CYS A HB2  1 
ATOM 936 H HB3  . CYS A 1 68 ? 10.076  5.487   -1.765  1.00 0.00 ? 68 CYS A HB3  1 
ATOM 937 N N    . HIS A 1 69 ? 8.397   8.057   0.341   1.00 0.00 ? 69 HIS A N    1 
ATOM 938 C CA   . HIS A 1 69 ? 8.246   9.460   0.169   1.00 0.00 ? 69 HIS A CA   1 
ATOM 939 C C    . HIS A 1 69 ? 9.098   10.158  1.257   1.00 0.00 ? 69 HIS A C    1 
ATOM 940 O O    . HIS A 1 69 ? 9.590   9.563   2.176   1.00 0.00 ? 69 HIS A O    1 
ATOM 941 C CB   . HIS A 1 69 ? 6.735   9.763   0.147   1.00 0.00 ? 69 HIS A CB   1 
ATOM 942 C CG   . HIS A 1 69 ? 5.991   9.193   1.343   1.00 0.00 ? 69 HIS A CG   1 
ATOM 943 N ND1  . HIS A 1 69 ? 5.495   7.941   1.441   1.00 0.00 ? 69 HIS A ND1  1 
ATOM 944 C CD2  . HIS A 1 69 ? 5.688   9.851   2.542   1.00 0.00 ? 69 HIS A CD2  1 
ATOM 945 C CE1  . HIS A 1 69 ? 4.922   7.842   2.649   1.00 0.00 ? 69 HIS A CE1  1 
ATOM 946 N NE2  . HIS A 1 69 ? 5.025   8.990   3.347   1.00 0.00 ? 69 HIS A NE2  1 
ATOM 947 O OXT  . HIS A 1 69 ? 9.356   11.352  1.169   1.00 0.00 ? 69 HIS A OXT  1 
ATOM 948 H H    . HIS A 1 69 ? 7.709   7.575   0.880   1.00 0.00 ? 69 HIS A H    1 
ATOM 949 H HA   . HIS A 1 69 ? 8.665   9.693   -0.812  1.00 0.00 ? 69 HIS A HA   1 
ATOM 950 H HB2  . HIS A 1 69 ? 6.578   10.836  0.104   1.00 0.00 ? 69 HIS A HB2  1 
ATOM 951 H HB3  . HIS A 1 69 ? 6.297   9.350   -0.760  1.00 0.00 ? 69 HIS A HB3  1 
ATOM 952 H HD1  . HIS A 1 69 ? 5.548   7.190   0.825   1.00 0.00 ? 69 HIS A HD1  1 
ATOM 953 H HD2  . HIS A 1 69 ? 5.938   10.872  2.757   1.00 0.00 ? 69 HIS A HD2  1 
ATOM 954 H HE1  . HIS A 1 69 ? 4.454   6.931   2.995   1.00 0.00 ? 69 HIS A HE1  1 
# 
